data_1G22
# 
_entry.id   1G22 
# 
_audit_conform.dict_name       mmcif_pdbx.dic 
_audit_conform.dict_version    5.392 
_audit_conform.dict_location   http://mmcif.pdb.org/dictionaries/ascii/mmcif_pdbx.dic 
# 
loop_
_database_2.database_id 
_database_2.database_code 
_database_2.pdbx_database_accession 
_database_2.pdbx_DOI 
PDB   1G22         pdb_00001g22 10.2210/pdb1g22/pdb 
RCSB  RCSB012136   ?            ?                   
WWPDB D_1000012136 ?            ?                   
# 
loop_
_pdbx_audit_revision_history.ordinal 
_pdbx_audit_revision_history.data_content_type 
_pdbx_audit_revision_history.major_revision 
_pdbx_audit_revision_history.minor_revision 
_pdbx_audit_revision_history.revision_date 
1 'Structure model' 1 0 2001-05-02 
2 'Structure model' 1 1 2008-04-27 
3 'Structure model' 1 2 2011-07-13 
4 'Structure model' 1 3 2022-02-23 
5 'Structure model' 1 4 2024-05-22 
# 
_pdbx_audit_revision_details.ordinal             1 
_pdbx_audit_revision_details.revision_ordinal    1 
_pdbx_audit_revision_details.data_content_type   'Structure model' 
_pdbx_audit_revision_details.provider            repository 
_pdbx_audit_revision_details.type                'Initial release' 
_pdbx_audit_revision_details.description         ? 
_pdbx_audit_revision_details.details             ? 
# 
loop_
_pdbx_audit_revision_group.ordinal 
_pdbx_audit_revision_group.revision_ordinal 
_pdbx_audit_revision_group.data_content_type 
_pdbx_audit_revision_group.group 
1 2 'Structure model' 'Version format compliance' 
2 3 'Structure model' 'Version format compliance' 
3 4 'Structure model' 'Data collection'           
4 4 'Structure model' 'Database references'       
5 4 'Structure model' 'Derived calculations'      
6 5 'Structure model' 'Data collection'           
# 
loop_
_pdbx_audit_revision_category.ordinal 
_pdbx_audit_revision_category.revision_ordinal 
_pdbx_audit_revision_category.data_content_type 
_pdbx_audit_revision_category.category 
1 4 'Structure model' database_2            
2 4 'Structure model' pdbx_nmr_software     
3 4 'Structure model' pdbx_struct_assembly  
4 4 'Structure model' pdbx_struct_oper_list 
5 4 'Structure model' struct_conn           
6 5 'Structure model' chem_comp_atom        
7 5 'Structure model' chem_comp_bond        
# 
loop_
_pdbx_audit_revision_item.ordinal 
_pdbx_audit_revision_item.revision_ordinal 
_pdbx_audit_revision_item.data_content_type 
_pdbx_audit_revision_item.item 
1 4 'Structure model' '_database_2.pdbx_DOI'                
2 4 'Structure model' '_database_2.pdbx_database_accession' 
3 4 'Structure model' '_pdbx_nmr_software.name'             
4 4 'Structure model' '_struct_conn.pdbx_leaving_atom_flag' 
# 
_pdbx_database_status.status_code                     REL 
_pdbx_database_status.entry_id                        1G22 
_pdbx_database_status.recvd_initial_deposition_date   2000-10-16 
_pdbx_database_status.deposit_site                    RCSB 
_pdbx_database_status.process_site                    RCSB 
_pdbx_database_status.status_code_mr                  REL 
_pdbx_database_status.SG_entry                        . 
_pdbx_database_status.status_code_sf                  ? 
_pdbx_database_status.pdb_format_compatible           Y 
_pdbx_database_status.status_code_cs                  ? 
_pdbx_database_status.status_code_nmr_data            ? 
_pdbx_database_status.methods_development_category    ? 
# 
loop_
_audit_author.name 
_audit_author.pdbx_ordinal 
'Nonin-Lecomte, S.' 1 
'Leroy, J.-L.'      2 
# 
_citation.id                        primary 
_citation.title                     
'Structure of a C-rich strand fragment of the human centromeric satellite III: a pH-dependent intercalation topology.' 
_citation.journal_abbrev            J.Mol.Biol. 
_citation.journal_volume            309 
_citation.page_first                491 
_citation.page_last                 506 
_citation.year                      2001 
_citation.journal_id_ASTM           JMOBAK 
_citation.country                   UK 
_citation.journal_id_ISSN           0022-2836 
_citation.journal_id_CSD            0070 
_citation.book_publisher            ? 
_citation.pdbx_database_id_PubMed   11371167 
_citation.pdbx_database_id_DOI      10.1006/jmbi.2001.4679 
# 
loop_
_citation_author.citation_id 
_citation_author.name 
_citation_author.ordinal 
_citation_author.identifier_ORCID 
primary 'Nonin-Lecomte, S.' 1 ? 
primary 'Leroy, J.L.'       2 ? 
# 
_entity.id                         1 
_entity.type                       polymer 
_entity.src_method                 syn 
_entity.pdbx_description           'CENTROMERIC SATELLITE III' 
_entity.formula_weight             4930.254 
_entity.pdbx_number_of_molecules   1 
_entity.pdbx_ec                    ? 
_entity.pdbx_mutation              'T9U, T13U' 
_entity.pdbx_fragment              'C-RICH STRAND FRAGMENT' 
_entity.details                    ? 
# 
_entity_poly.entity_id                      1 
_entity_poly.type                           polydeoxyribonucleotide 
_entity_poly.nstd_linkage                   no 
_entity_poly.nstd_monomer                   yes 
_entity_poly.pdbx_seq_one_letter_code       '(MCY)(DC)(DA)(DT)(DT)(DC)(DC)(DA)(DU)(DT)(DC)(DC)(DU)(DT)(DT)(DC)(DC)' 
_entity_poly.pdbx_seq_one_letter_code_can   CCATTCCAUTCCUTTCC 
_entity_poly.pdbx_strand_id                 A 
_entity_poly.pdbx_target_identifier         ? 
# 
loop_
_entity_poly_seq.entity_id 
_entity_poly_seq.num 
_entity_poly_seq.mon_id 
_entity_poly_seq.hetero 
1 1  MCY n 
1 2  DC  n 
1 3  DA  n 
1 4  DT  n 
1 5  DT  n 
1 6  DC  n 
1 7  DC  n 
1 8  DA  n 
1 9  DU  n 
1 10 DT  n 
1 11 DC  n 
1 12 DC  n 
1 13 DU  n 
1 14 DT  n 
1 15 DT  n 
1 16 DC  n 
1 17 DC  n 
# 
_pdbx_entity_src_syn.entity_id              1 
_pdbx_entity_src_syn.pdbx_src_id            1 
_pdbx_entity_src_syn.pdbx_alt_source_flag   sample 
_pdbx_entity_src_syn.pdbx_beg_seq_num       ? 
_pdbx_entity_src_syn.pdbx_end_seq_num       ? 
_pdbx_entity_src_syn.organism_scientific    ? 
_pdbx_entity_src_syn.organism_common_name   ? 
_pdbx_entity_src_syn.ncbi_taxonomy_id       ? 
_pdbx_entity_src_syn.details                'ccattccattcctttcc occurs naturally in humans' 
# 
loop_
_chem_comp.id 
_chem_comp.type 
_chem_comp.mon_nstd_flag 
_chem_comp.name 
_chem_comp.pdbx_synonyms 
_chem_comp.formula 
_chem_comp.formula_weight 
DA  'DNA linking' y "2'-DEOXYADENOSINE-5'-MONOPHOSPHATE" ? 'C10 H14 N5 O6 P' 331.222 
DC  'DNA linking' y "2'-DEOXYCYTIDINE-5'-MONOPHOSPHATE"  ? 'C9 H14 N3 O7 P'  307.197 
DT  'DNA linking' y "THYMIDINE-5'-MONOPHOSPHATE"         ? 'C10 H15 N2 O8 P' 322.208 
DU  'DNA linking' y "2'-DEOXYURIDINE-5'-MONOPHOSPHATE"   ? 'C9 H13 N2 O8 P'  308.182 
MCY 'DNA linking' n "5-METHYL-2'-DEOXYCYTIDINE"          ? 'C10 H15 N3 O4'   241.244 
# 
loop_
_pdbx_poly_seq_scheme.asym_id 
_pdbx_poly_seq_scheme.entity_id 
_pdbx_poly_seq_scheme.seq_id 
_pdbx_poly_seq_scheme.mon_id 
_pdbx_poly_seq_scheme.ndb_seq_num 
_pdbx_poly_seq_scheme.pdb_seq_num 
_pdbx_poly_seq_scheme.auth_seq_num 
_pdbx_poly_seq_scheme.pdb_mon_id 
_pdbx_poly_seq_scheme.auth_mon_id 
_pdbx_poly_seq_scheme.pdb_strand_id 
_pdbx_poly_seq_scheme.pdb_ins_code 
_pdbx_poly_seq_scheme.hetero 
A 1 1  MCY 1  1  1  MCY MCY A . n 
A 1 2  DC  2  2  2  DC  DC  A . n 
A 1 3  DA  3  3  3  DA  DA  A . n 
A 1 4  DT  4  4  4  DT  DT  A . n 
A 1 5  DT  5  5  5  DT  DT  A . n 
A 1 6  DC  6  6  6  DC  DC  A . n 
A 1 7  DC  7  7  7  DC  DC  A . n 
A 1 8  DA  8  8  8  DA  DA  A . n 
A 1 9  DU  9  9  9  DU  DU  A . n 
A 1 10 DT  10 10 10 DT  DT  A . n 
A 1 11 DC  11 11 11 DC  DC  A . n 
A 1 12 DC  12 12 12 DC  DC  A . n 
A 1 13 DU  13 13 13 DU  DU  A . n 
A 1 14 DT  14 14 14 DT  DT  A . n 
A 1 15 DT  15 15 15 DT  DT  A . n 
A 1 16 DC  16 16 16 DC  DC  A . n 
A 1 17 DC  17 17 17 DC  DC  A . n 
# 
_cell.entry_id           1G22 
_cell.length_a           1.000 
_cell.length_b           1.000 
_cell.length_c           1.000 
_cell.angle_alpha        90.00 
_cell.angle_beta         90.00 
_cell.angle_gamma        90.00 
_cell.Z_PDB              1 
_cell.pdbx_unique_axis   ? 
# 
_symmetry.entry_id                         1G22 
_symmetry.space_group_name_H-M             'P 1' 
_symmetry.pdbx_full_space_group_name_H-M   ? 
_symmetry.cell_setting                     ? 
_symmetry.Int_Tables_number                1 
# 
_exptl.entry_id          1G22 
_exptl.method            'SOLUTION NMR' 
_exptl.crystals_number   ? 
# 
_struct.entry_id                  1G22 
_struct.title                     'SOLUTION STRUCTURE OF A MODIFIED HUMAN CENTROMERIC FRAGMENT' 
_struct.pdbx_model_details        ? 
_struct.pdbx_CASP_flag            ? 
_struct.pdbx_model_type_details   ? 
# 
_struct_keywords.entry_id        1G22 
_struct_keywords.pdbx_keywords   DNA 
_struct_keywords.text            'DNA SOLUTION STRUCTURE, I-MOTIF, INTERACTING LOOPS, centromere, satellite III, DNA' 
# 
_struct_asym.id                            A 
_struct_asym.pdbx_blank_PDB_chainid_flag   N 
_struct_asym.pdbx_modified                 N 
_struct_asym.entity_id                     1 
_struct_asym.details                       ? 
# 
_struct_ref.id                         1 
_struct_ref.entity_id                  1 
_struct_ref.db_name                    PDB 
_struct_ref.db_code                    1G22 
_struct_ref.pdbx_db_accession          1G22 
_struct_ref.pdbx_db_isoform            ? 
_struct_ref.pdbx_seq_one_letter_code   ? 
_struct_ref.pdbx_align_begin           ? 
# 
_struct_ref_seq.align_id                      1 
_struct_ref_seq.ref_id                        1 
_struct_ref_seq.pdbx_PDB_id_code              1G22 
_struct_ref_seq.pdbx_strand_id                A 
_struct_ref_seq.seq_align_beg                 1 
_struct_ref_seq.pdbx_seq_align_beg_ins_code   ? 
_struct_ref_seq.seq_align_end                 17 
_struct_ref_seq.pdbx_seq_align_end_ins_code   ? 
_struct_ref_seq.pdbx_db_accession             1G22 
_struct_ref_seq.db_align_beg                  1 
_struct_ref_seq.pdbx_db_align_beg_ins_code    ? 
_struct_ref_seq.db_align_end                  17 
_struct_ref_seq.pdbx_db_align_end_ins_code    ? 
_struct_ref_seq.pdbx_auth_seq_align_beg       1 
_struct_ref_seq.pdbx_auth_seq_align_end       17 
# 
_pdbx_struct_assembly.id                   1 
_pdbx_struct_assembly.details              author_defined_assembly 
_pdbx_struct_assembly.method_details       ? 
_pdbx_struct_assembly.oligomeric_details   monomeric 
_pdbx_struct_assembly.oligomeric_count     1 
# 
_pdbx_struct_assembly_gen.assembly_id       1 
_pdbx_struct_assembly_gen.oper_expression   1 
_pdbx_struct_assembly_gen.asym_id_list      A 
# 
_pdbx_struct_oper_list.id                   1 
_pdbx_struct_oper_list.type                 'identity operation' 
_pdbx_struct_oper_list.name                 1_555 
_pdbx_struct_oper_list.symmetry_operation   x,y,z 
_pdbx_struct_oper_list.matrix[1][1]         1.0000000000 
_pdbx_struct_oper_list.matrix[1][2]         0.0000000000 
_pdbx_struct_oper_list.matrix[1][3]         0.0000000000 
_pdbx_struct_oper_list.vector[1]            0.0000000000 
_pdbx_struct_oper_list.matrix[2][1]         0.0000000000 
_pdbx_struct_oper_list.matrix[2][2]         1.0000000000 
_pdbx_struct_oper_list.matrix[2][3]         0.0000000000 
_pdbx_struct_oper_list.vector[2]            0.0000000000 
_pdbx_struct_oper_list.matrix[3][1]         0.0000000000 
_pdbx_struct_oper_list.matrix[3][2]         0.0000000000 
_pdbx_struct_oper_list.matrix[3][3]         1.0000000000 
_pdbx_struct_oper_list.vector[3]            0.0000000000 
# 
_struct_biol.id        1 
_struct_biol.details   ? 
# 
loop_
_struct_conn.id 
_struct_conn.conn_type_id 
_struct_conn.pdbx_leaving_atom_flag 
_struct_conn.pdbx_PDB_id 
_struct_conn.ptnr1_label_asym_id 
_struct_conn.ptnr1_label_comp_id 
_struct_conn.ptnr1_label_seq_id 
_struct_conn.ptnr1_label_atom_id 
_struct_conn.pdbx_ptnr1_label_alt_id 
_struct_conn.pdbx_ptnr1_PDB_ins_code 
_struct_conn.pdbx_ptnr1_standard_comp_id 
_struct_conn.ptnr1_symmetry 
_struct_conn.ptnr2_label_asym_id 
_struct_conn.ptnr2_label_comp_id 
_struct_conn.ptnr2_label_seq_id 
_struct_conn.ptnr2_label_atom_id 
_struct_conn.pdbx_ptnr2_label_alt_id 
_struct_conn.pdbx_ptnr2_PDB_ins_code 
_struct_conn.ptnr1_auth_asym_id 
_struct_conn.ptnr1_auth_comp_id 
_struct_conn.ptnr1_auth_seq_id 
_struct_conn.ptnr2_auth_asym_id 
_struct_conn.ptnr2_auth_comp_id 
_struct_conn.ptnr2_auth_seq_id 
_struct_conn.ptnr2_symmetry 
_struct_conn.pdbx_ptnr3_label_atom_id 
_struct_conn.pdbx_ptnr3_label_seq_id 
_struct_conn.pdbx_ptnr3_label_comp_id 
_struct_conn.pdbx_ptnr3_label_asym_id 
_struct_conn.pdbx_ptnr3_label_alt_id 
_struct_conn.pdbx_ptnr3_PDB_ins_code 
_struct_conn.details 
_struct_conn.pdbx_dist_value 
_struct_conn.pdbx_value_order 
_struct_conn.pdbx_role 
covale1  covale both ? A MCY 1 "O3'" ? ? ? 1_555 A DC 2  P  ? ? A MCY 1 A DC 2  1_555 ? ? ? ? ? ? ?                       1.611 ? 
? 
hydrog1  hydrog ?    ? A MCY 1 N4    ? ? ? 1_555 A DC 11 O2 ? ? A MCY 1 A DC 11 1_555 ? ? ? ? ? ? TYPE_15_PAIR            ?     ? 
? 
hydrog2  hydrog ?    ? A MCY 1 O2    ? ? ? 1_555 A DC 11 N4 ? ? A MCY 1 A DC 11 1_555 ? ? ? ? ? ? TYPE_15_PAIR            ?     ? 
? 
hydrog3  hydrog ?    ? A DC  2 N4    ? ? ? 1_555 A DC 12 O2 ? ? A DC  2 A DC 12 1_555 ? ? ? ? ? ? TYPE_15_PAIR            ?     ? 
? 
hydrog4  hydrog ?    ? A DC  2 O2    ? ? ? 1_555 A DC 12 N4 ? ? A DC  2 A DC 12 1_555 ? ? ? ? ? ? TYPE_15_PAIR            ?     ? 
? 
hydrog5  hydrog ?    ? A DA  3 N1    ? ? ? 1_555 A DU 13 N3 ? ? A DA  3 A DU 13 1_555 ? ? ? ? ? ? 'REVERSED WATSON-CRICK' ?     ? 
? 
hydrog6  hydrog ?    ? A DA  3 N6    ? ? ? 1_555 A DU 13 O2 ? ? A DA  3 A DU 13 1_555 ? ? ? ? ? ? 'REVERSED WATSON-CRICK' ?     ? 
? 
hydrog7  hydrog ?    ? A DC  6 N4    ? ? ? 1_555 A DC 16 O2 ? ? A DC  6 A DC 16 1_555 ? ? ? ? ? ? TYPE_15_PAIR            ?     ? 
? 
hydrog8  hydrog ?    ? A DC  6 O2    ? ? ? 1_555 A DC 16 N4 ? ? A DC  6 A DC 16 1_555 ? ? ? ? ? ? TYPE_15_PAIR            ?     ? 
? 
hydrog9  hydrog ?    ? A DC  7 N4    ? ? ? 1_555 A DC 17 O2 ? ? A DC  7 A DC 17 1_555 ? ? ? ? ? ? TYPE_15_PAIR            ?     ? 
? 
hydrog10 hydrog ?    ? A DC  7 O2    ? ? ? 1_555 A DC 17 N4 ? ? A DC  7 A DC 17 1_555 ? ? ? ? ? ? TYPE_15_PAIR            ?     ? 
? 
hydrog11 hydrog ?    ? A DA  8 N3    ? ? ? 1_555 A DC 11 N4 ? ? A DA  8 A DC 11 1_555 ? ? ? ? ? ? 'DA-DC MISPAIR'         ?     ? 
? 
# 
loop_
_struct_conn_type.id 
_struct_conn_type.criteria 
_struct_conn_type.reference 
covale ? ? 
hydrog ? ? 
# 
loop_
_pdbx_validate_rmsd_angle.id 
_pdbx_validate_rmsd_angle.PDB_model_num 
_pdbx_validate_rmsd_angle.auth_atom_id_1 
_pdbx_validate_rmsd_angle.auth_asym_id_1 
_pdbx_validate_rmsd_angle.auth_comp_id_1 
_pdbx_validate_rmsd_angle.auth_seq_id_1 
_pdbx_validate_rmsd_angle.PDB_ins_code_1 
_pdbx_validate_rmsd_angle.label_alt_id_1 
_pdbx_validate_rmsd_angle.auth_atom_id_2 
_pdbx_validate_rmsd_angle.auth_asym_id_2 
_pdbx_validate_rmsd_angle.auth_comp_id_2 
_pdbx_validate_rmsd_angle.auth_seq_id_2 
_pdbx_validate_rmsd_angle.PDB_ins_code_2 
_pdbx_validate_rmsd_angle.label_alt_id_2 
_pdbx_validate_rmsd_angle.auth_atom_id_3 
_pdbx_validate_rmsd_angle.auth_asym_id_3 
_pdbx_validate_rmsd_angle.auth_comp_id_3 
_pdbx_validate_rmsd_angle.auth_seq_id_3 
_pdbx_validate_rmsd_angle.PDB_ins_code_3 
_pdbx_validate_rmsd_angle.label_alt_id_3 
_pdbx_validate_rmsd_angle.angle_value 
_pdbx_validate_rmsd_angle.angle_target_value 
_pdbx_validate_rmsd_angle.angle_deviation 
_pdbx_validate_rmsd_angle.angle_standard_deviation 
_pdbx_validate_rmsd_angle.linker_flag 
1  1 "O4'" A DC 2  ? ? "C1'" A DC 2  ? ? N1 A DC 2  ? ? 110.11 108.30 1.81  0.30 N 
2  1 "O4'" A DA 3  ? ? "C1'" A DA 3  ? ? N9 A DA 3  ? ? 111.49 108.30 3.19  0.30 N 
3  1 N7    A DA 3  ? ? C8    A DA 3  ? ? N9 A DA 3  ? ? 117.56 113.80 3.76  0.50 N 
4  1 "O4'" A DT 4  ? ? "C1'" A DT 4  ? ? N1 A DT 4  ? ? 111.04 108.30 2.74  0.30 N 
5  1 "O4'" A DT 5  ? ? "C1'" A DT 5  ? ? N1 A DT 5  ? ? 110.70 108.30 2.40  0.30 N 
6  1 "O4'" A DC 6  ? ? "C1'" A DC 6  ? ? N1 A DC 6  ? ? 110.65 108.30 2.35  0.30 N 
7  1 "O4'" A DC 7  ? ? "C1'" A DC 7  ? ? N1 A DC 7  ? ? 110.43 108.30 2.13  0.30 N 
8  1 "O4'" A DA 8  ? ? "C1'" A DA 8  ? ? N9 A DA 8  ? ? 111.10 108.30 2.80  0.30 N 
9  1 N7    A DA 8  ? ? C8    A DA 8  ? ? N9 A DA 8  ? ? 117.44 113.80 3.64  0.50 N 
10 1 "O4'" A DU 9  ? ? "C1'" A DU 9  ? ? N1 A DU 9  ? ? 111.67 108.30 3.37  0.30 N 
11 1 "O4'" A DT 10 ? ? "C1'" A DT 10 ? ? N1 A DT 10 ? ? 111.21 108.30 2.91  0.30 N 
12 1 "O4'" A DC 11 ? ? "C1'" A DC 11 ? ? N1 A DC 11 ? ? 110.70 108.30 2.40  0.30 N 
13 1 "O4'" A DC 12 ? ? "C1'" A DC 12 ? ? N1 A DC 12 ? ? 110.66 108.30 2.36  0.30 N 
14 1 "O4'" A DU 13 ? ? "C1'" A DU 13 ? ? N1 A DU 13 ? ? 111.06 108.30 2.76  0.30 N 
15 1 "O4'" A DT 14 ? ? "C1'" A DT 14 ? ? N1 A DT 14 ? ? 110.57 108.30 2.27  0.30 N 
16 1 C6    A DT 14 ? ? C5    A DT 14 ? ? C7 A DT 14 ? ? 119.04 122.90 -3.86 0.60 N 
17 1 "O4'" A DT 15 ? ? "C1'" A DT 15 ? ? N1 A DT 15 ? ? 110.63 108.30 2.33  0.30 N 
18 1 "O4'" A DC 16 ? ? "C1'" A DC 16 ? ? N1 A DC 16 ? ? 110.71 108.30 2.41  0.30 N 
19 1 "O4'" A DC 17 ? ? "C1'" A DC 17 ? ? N1 A DC 17 ? ? 110.68 108.30 2.38  0.30 N 
# 
_pdbx_struct_mod_residue.id               1 
_pdbx_struct_mod_residue.label_asym_id    A 
_pdbx_struct_mod_residue.label_comp_id    MCY 
_pdbx_struct_mod_residue.label_seq_id     1 
_pdbx_struct_mod_residue.auth_asym_id     A 
_pdbx_struct_mod_residue.auth_comp_id     MCY 
_pdbx_struct_mod_residue.auth_seq_id      1 
_pdbx_struct_mod_residue.PDB_ins_code     ? 
_pdbx_struct_mod_residue.parent_comp_id   DC 
_pdbx_struct_mod_residue.details          "5-METHYL-2'-DEOXYCYTIDINE" 
# 
_pdbx_nmr_ensemble.entry_id                                      1G22 
_pdbx_nmr_ensemble.conformers_calculated_total_number            100 
_pdbx_nmr_ensemble.conformers_submitted_total_number             1 
_pdbx_nmr_ensemble.conformer_selection_criteria                  'structures with the least restraint violations' 
_pdbx_nmr_ensemble.average_constraints_per_residue               ? 
_pdbx_nmr_ensemble.average_constraint_violations_per_residue     ? 
_pdbx_nmr_ensemble.maximum_distance_constraint_violation         ? 
_pdbx_nmr_ensemble.average_distance_constraint_violation         ? 
_pdbx_nmr_ensemble.maximum_upper_distance_constraint_violation   ? 
_pdbx_nmr_ensemble.maximum_lower_distance_constraint_violation   ? 
_pdbx_nmr_ensemble.distance_constraint_violation_method          ? 
_pdbx_nmr_ensemble.maximum_torsion_angle_constraint_violation    ? 
_pdbx_nmr_ensemble.average_torsion_angle_constraint_violation    ? 
_pdbx_nmr_ensemble.torsion_angle_constraint_violation_method     ? 
# 
_pdbx_nmr_representative.entry_id             1G22 
_pdbx_nmr_representative.conformer_id         1 
_pdbx_nmr_representative.selection_criteria   'fewest violations and lowest energy' 
# 
_pdbx_nmr_sample_details.solution_id      1 
_pdbx_nmr_sample_details.contents         '1 mM OF UNLABELED DNA' 
_pdbx_nmr_sample_details.solvent_system   H2O 
# 
_pdbx_nmr_exptl_sample_conditions.conditions_id       1 
_pdbx_nmr_exptl_sample_conditions.temperature         288 
_pdbx_nmr_exptl_sample_conditions.pressure            AMBIENT 
_pdbx_nmr_exptl_sample_conditions.pH                  5.8 
_pdbx_nmr_exptl_sample_conditions.ionic_strength      '~10mM NaCL' 
_pdbx_nmr_exptl_sample_conditions.pressure_units      ? 
_pdbx_nmr_exptl_sample_conditions.temperature_units   K 
# 
loop_
_pdbx_nmr_exptl.experiment_id 
_pdbx_nmr_exptl.conditions_id 
_pdbx_nmr_exptl.type 
_pdbx_nmr_exptl.solution_id 
1 1 '2D NOESY'            1 
2 1 DQF-COSY              1 
3 1 TOCSY                 1 
4 1 '31P-1H HETERO-TOCSY' 1 
5 1 '13C-1H HSQC'         1 
6 1 HMBC                  1 
7 1 '31P-1H HETERO-COSY'  1 
# 
_pdbx_nmr_details.entry_id   1G22 
_pdbx_nmr_details.text       
'THE STRUCTURE WAS DETERMINED USING 2D HOMONUCLEAR AND NATURAL ABUNDANCE HETERONUCLEAR TECHNIQUES AT A TEMPERATURES 260-288.' 
# 
_pdbx_nmr_refine.entry_id           1G22 
_pdbx_nmr_refine.method             'NMR-BASED SIMULATED ANNEALING' 
_pdbx_nmr_refine.details            ? 
_pdbx_nmr_refine.software_ordinal   1 
# 
loop_
_pdbx_nmr_software.classification 
_pdbx_nmr_software.name 
_pdbx_nmr_software.version 
_pdbx_nmr_software.authors 
_pdbx_nmr_software.ordinal 
refinement      X-PLOR 3.851 'BRUNGER, A.T.'    1 
processing      Felix  98    MSI                2 
collection      VNMR   6.2   VARIAN             3 
'data analysis' MOLMOL 2.4   'Koradi et al.'    4 
'data analysis' Curves ?     'Lavery & Sklenar' 5 
# 
loop_
_chem_comp_atom.comp_id 
_chem_comp_atom.atom_id 
_chem_comp_atom.type_symbol 
_chem_comp_atom.pdbx_aromatic_flag 
_chem_comp_atom.pdbx_stereo_config 
_chem_comp_atom.pdbx_ordinal 
DA  OP3    O N N 1   
DA  P      P N N 2   
DA  OP1    O N N 3   
DA  OP2    O N N 4   
DA  "O5'"  O N N 5   
DA  "C5'"  C N N 6   
DA  "C4'"  C N R 7   
DA  "O4'"  O N N 8   
DA  "C3'"  C N S 9   
DA  "O3'"  O N N 10  
DA  "C2'"  C N N 11  
DA  "C1'"  C N R 12  
DA  N9     N Y N 13  
DA  C8     C Y N 14  
DA  N7     N Y N 15  
DA  C5     C Y N 16  
DA  C6     C Y N 17  
DA  N6     N N N 18  
DA  N1     N Y N 19  
DA  C2     C Y N 20  
DA  N3     N Y N 21  
DA  C4     C Y N 22  
DA  HOP3   H N N 23  
DA  HOP2   H N N 24  
DA  "H5'"  H N N 25  
DA  "H5''" H N N 26  
DA  "H4'"  H N N 27  
DA  "H3'"  H N N 28  
DA  "HO3'" H N N 29  
DA  "H2'"  H N N 30  
DA  "H2''" H N N 31  
DA  "H1'"  H N N 32  
DA  H8     H N N 33  
DA  H61    H N N 34  
DA  H62    H N N 35  
DA  H2     H N N 36  
DC  OP3    O N N 37  
DC  P      P N N 38  
DC  OP1    O N N 39  
DC  OP2    O N N 40  
DC  "O5'"  O N N 41  
DC  "C5'"  C N N 42  
DC  "C4'"  C N R 43  
DC  "O4'"  O N N 44  
DC  "C3'"  C N S 45  
DC  "O3'"  O N N 46  
DC  "C2'"  C N N 47  
DC  "C1'"  C N R 48  
DC  N1     N N N 49  
DC  C2     C N N 50  
DC  O2     O N N 51  
DC  N3     N N N 52  
DC  C4     C N N 53  
DC  N4     N N N 54  
DC  C5     C N N 55  
DC  C6     C N N 56  
DC  HOP3   H N N 57  
DC  HOP2   H N N 58  
DC  "H5'"  H N N 59  
DC  "H5''" H N N 60  
DC  "H4'"  H N N 61  
DC  "H3'"  H N N 62  
DC  "HO3'" H N N 63  
DC  "H2'"  H N N 64  
DC  "H2''" H N N 65  
DC  "H1'"  H N N 66  
DC  H41    H N N 67  
DC  H42    H N N 68  
DC  H5     H N N 69  
DC  H6     H N N 70  
DT  OP3    O N N 71  
DT  P      P N N 72  
DT  OP1    O N N 73  
DT  OP2    O N N 74  
DT  "O5'"  O N N 75  
DT  "C5'"  C N N 76  
DT  "C4'"  C N R 77  
DT  "O4'"  O N N 78  
DT  "C3'"  C N S 79  
DT  "O3'"  O N N 80  
DT  "C2'"  C N N 81  
DT  "C1'"  C N R 82  
DT  N1     N N N 83  
DT  C2     C N N 84  
DT  O2     O N N 85  
DT  N3     N N N 86  
DT  C4     C N N 87  
DT  O4     O N N 88  
DT  C5     C N N 89  
DT  C7     C N N 90  
DT  C6     C N N 91  
DT  HOP3   H N N 92  
DT  HOP2   H N N 93  
DT  "H5'"  H N N 94  
DT  "H5''" H N N 95  
DT  "H4'"  H N N 96  
DT  "H3'"  H N N 97  
DT  "HO3'" H N N 98  
DT  "H2'"  H N N 99  
DT  "H2''" H N N 100 
DT  "H1'"  H N N 101 
DT  H3     H N N 102 
DT  H71    H N N 103 
DT  H72    H N N 104 
DT  H73    H N N 105 
DT  H6     H N N 106 
DU  OP3    O N N 107 
DU  P      P N N 108 
DU  OP1    O N N 109 
DU  OP2    O N N 110 
DU  "O5'"  O N N 111 
DU  "C5'"  C N N 112 
DU  "C4'"  C N R 113 
DU  "O4'"  O N N 114 
DU  "C3'"  C N S 115 
DU  "O3'"  O N N 116 
DU  "C2'"  C N N 117 
DU  "C1'"  C N R 118 
DU  N1     N N N 119 
DU  C2     C N N 120 
DU  O2     O N N 121 
DU  N3     N N N 122 
DU  C4     C N N 123 
DU  O4     O N N 124 
DU  C5     C N N 125 
DU  C6     C N N 126 
DU  HOP3   H N N 127 
DU  HOP2   H N N 128 
DU  "H5'"  H N N 129 
DU  "H5''" H N N 130 
DU  "H4'"  H N N 131 
DU  "H3'"  H N N 132 
DU  "HO3'" H N N 133 
DU  "H2'"  H N N 134 
DU  "H2''" H N N 135 
DU  "H1'"  H N N 136 
DU  H3     H N N 137 
DU  H5     H N N 138 
DU  H6     H N N 139 
MCY N1     N N N 140 
MCY C2     C N N 141 
MCY N3     N N N 142 
MCY C4     C N N 143 
MCY C5     C N N 144 
MCY C6     C N N 145 
MCY O2     O N N 146 
MCY N4     N N N 147 
MCY "C1'"  C N R 148 
MCY "C2'"  C N N 149 
MCY "C3'"  C N S 150 
MCY "C4'"  C N R 151 
MCY "O4'"  O N N 152 
MCY "O3'"  O N N 153 
MCY "C5'"  C N N 154 
MCY "O5'"  O N N 155 
MCY C5A    C N N 156 
MCY H6     H N N 157 
MCY HN41   H N N 158 
MCY HN42   H N N 159 
MCY "H1'"  H N N 160 
MCY "H2'"  H N N 161 
MCY "H2''" H N N 162 
MCY "H3'"  H N N 163 
MCY "H4'"  H N N 164 
MCY "HO3'" H N N 165 
MCY "H5'"  H N N 166 
MCY "H5''" H N N 167 
MCY "HO5'" H N N 168 
MCY H5A1   H N N 169 
MCY H5A2   H N N 170 
MCY H5A3   H N N 171 
# 
loop_
_chem_comp_bond.comp_id 
_chem_comp_bond.atom_id_1 
_chem_comp_bond.atom_id_2 
_chem_comp_bond.value_order 
_chem_comp_bond.pdbx_aromatic_flag 
_chem_comp_bond.pdbx_stereo_config 
_chem_comp_bond.pdbx_ordinal 
DA  OP3   P      sing N N 1   
DA  OP3   HOP3   sing N N 2   
DA  P     OP1    doub N N 3   
DA  P     OP2    sing N N 4   
DA  P     "O5'"  sing N N 5   
DA  OP2   HOP2   sing N N 6   
DA  "O5'" "C5'"  sing N N 7   
DA  "C5'" "C4'"  sing N N 8   
DA  "C5'" "H5'"  sing N N 9   
DA  "C5'" "H5''" sing N N 10  
DA  "C4'" "O4'"  sing N N 11  
DA  "C4'" "C3'"  sing N N 12  
DA  "C4'" "H4'"  sing N N 13  
DA  "O4'" "C1'"  sing N N 14  
DA  "C3'" "O3'"  sing N N 15  
DA  "C3'" "C2'"  sing N N 16  
DA  "C3'" "H3'"  sing N N 17  
DA  "O3'" "HO3'" sing N N 18  
DA  "C2'" "C1'"  sing N N 19  
DA  "C2'" "H2'"  sing N N 20  
DA  "C2'" "H2''" sing N N 21  
DA  "C1'" N9     sing N N 22  
DA  "C1'" "H1'"  sing N N 23  
DA  N9    C8     sing Y N 24  
DA  N9    C4     sing Y N 25  
DA  C8    N7     doub Y N 26  
DA  C8    H8     sing N N 27  
DA  N7    C5     sing Y N 28  
DA  C5    C6     sing Y N 29  
DA  C5    C4     doub Y N 30  
DA  C6    N6     sing N N 31  
DA  C6    N1     doub Y N 32  
DA  N6    H61    sing N N 33  
DA  N6    H62    sing N N 34  
DA  N1    C2     sing Y N 35  
DA  C2    N3     doub Y N 36  
DA  C2    H2     sing N N 37  
DA  N3    C4     sing Y N 38  
DC  OP3   P      sing N N 39  
DC  OP3   HOP3   sing N N 40  
DC  P     OP1    doub N N 41  
DC  P     OP2    sing N N 42  
DC  P     "O5'"  sing N N 43  
DC  OP2   HOP2   sing N N 44  
DC  "O5'" "C5'"  sing N N 45  
DC  "C5'" "C4'"  sing N N 46  
DC  "C5'" "H5'"  sing N N 47  
DC  "C5'" "H5''" sing N N 48  
DC  "C4'" "O4'"  sing N N 49  
DC  "C4'" "C3'"  sing N N 50  
DC  "C4'" "H4'"  sing N N 51  
DC  "O4'" "C1'"  sing N N 52  
DC  "C3'" "O3'"  sing N N 53  
DC  "C3'" "C2'"  sing N N 54  
DC  "C3'" "H3'"  sing N N 55  
DC  "O3'" "HO3'" sing N N 56  
DC  "C2'" "C1'"  sing N N 57  
DC  "C2'" "H2'"  sing N N 58  
DC  "C2'" "H2''" sing N N 59  
DC  "C1'" N1     sing N N 60  
DC  "C1'" "H1'"  sing N N 61  
DC  N1    C2     sing N N 62  
DC  N1    C6     sing N N 63  
DC  C2    O2     doub N N 64  
DC  C2    N3     sing N N 65  
DC  N3    C4     doub N N 66  
DC  C4    N4     sing N N 67  
DC  C4    C5     sing N N 68  
DC  N4    H41    sing N N 69  
DC  N4    H42    sing N N 70  
DC  C5    C6     doub N N 71  
DC  C5    H5     sing N N 72  
DC  C6    H6     sing N N 73  
DT  OP3   P      sing N N 74  
DT  OP3   HOP3   sing N N 75  
DT  P     OP1    doub N N 76  
DT  P     OP2    sing N N 77  
DT  P     "O5'"  sing N N 78  
DT  OP2   HOP2   sing N N 79  
DT  "O5'" "C5'"  sing N N 80  
DT  "C5'" "C4'"  sing N N 81  
DT  "C5'" "H5'"  sing N N 82  
DT  "C5'" "H5''" sing N N 83  
DT  "C4'" "O4'"  sing N N 84  
DT  "C4'" "C3'"  sing N N 85  
DT  "C4'" "H4'"  sing N N 86  
DT  "O4'" "C1'"  sing N N 87  
DT  "C3'" "O3'"  sing N N 88  
DT  "C3'" "C2'"  sing N N 89  
DT  "C3'" "H3'"  sing N N 90  
DT  "O3'" "HO3'" sing N N 91  
DT  "C2'" "C1'"  sing N N 92  
DT  "C2'" "H2'"  sing N N 93  
DT  "C2'" "H2''" sing N N 94  
DT  "C1'" N1     sing N N 95  
DT  "C1'" "H1'"  sing N N 96  
DT  N1    C2     sing N N 97  
DT  N1    C6     sing N N 98  
DT  C2    O2     doub N N 99  
DT  C2    N3     sing N N 100 
DT  N3    C4     sing N N 101 
DT  N3    H3     sing N N 102 
DT  C4    O4     doub N N 103 
DT  C4    C5     sing N N 104 
DT  C5    C7     sing N N 105 
DT  C5    C6     doub N N 106 
DT  C7    H71    sing N N 107 
DT  C7    H72    sing N N 108 
DT  C7    H73    sing N N 109 
DT  C6    H6     sing N N 110 
DU  OP3   P      sing N N 111 
DU  OP3   HOP3   sing N N 112 
DU  P     OP1    doub N N 113 
DU  P     OP2    sing N N 114 
DU  P     "O5'"  sing N N 115 
DU  OP2   HOP2   sing N N 116 
DU  "O5'" "C5'"  sing N N 117 
DU  "C5'" "C4'"  sing N N 118 
DU  "C5'" "H5'"  sing N N 119 
DU  "C5'" "H5''" sing N N 120 
DU  "C4'" "O4'"  sing N N 121 
DU  "C4'" "C3'"  sing N N 122 
DU  "C4'" "H4'"  sing N N 123 
DU  "O4'" "C1'"  sing N N 124 
DU  "C3'" "O3'"  sing N N 125 
DU  "C3'" "C2'"  sing N N 126 
DU  "C3'" "H3'"  sing N N 127 
DU  "O3'" "HO3'" sing N N 128 
DU  "C2'" "C1'"  sing N N 129 
DU  "C2'" "H2'"  sing N N 130 
DU  "C2'" "H2''" sing N N 131 
DU  "C1'" N1     sing N N 132 
DU  "C1'" "H1'"  sing N N 133 
DU  N1    C2     sing N N 134 
DU  N1    C6     sing N N 135 
DU  C2    O2     doub N N 136 
DU  C2    N3     sing N N 137 
DU  N3    C4     sing N N 138 
DU  N3    H3     sing N N 139 
DU  C4    O4     doub N N 140 
DU  C4    C5     sing N N 141 
DU  C5    C6     doub N N 142 
DU  C5    H5     sing N N 143 
DU  C6    H6     sing N N 144 
MCY N1    C2     sing N N 145 
MCY N1    C6     sing N N 146 
MCY N1    "C1'"  sing N N 147 
MCY C2    N3     sing N N 148 
MCY C2    O2     doub N N 149 
MCY N3    C4     doub N N 150 
MCY C4    C5     sing N N 151 
MCY C4    N4     sing N N 152 
MCY C5    C6     doub N N 153 
MCY C5    C5A    sing N N 154 
MCY C6    H6     sing N N 155 
MCY N4    HN41   sing N N 156 
MCY N4    HN42   sing N N 157 
MCY "C1'" "C2'"  sing N N 158 
MCY "C1'" "O4'"  sing N N 159 
MCY "C1'" "H1'"  sing N N 160 
MCY "C2'" "C3'"  sing N N 161 
MCY "C2'" "H2'"  sing N N 162 
MCY "C2'" "H2''" sing N N 163 
MCY "C3'" "C4'"  sing N N 164 
MCY "C3'" "O3'"  sing N N 165 
MCY "C3'" "H3'"  sing N N 166 
MCY "C4'" "O4'"  sing N N 167 
MCY "C4'" "C5'"  sing N N 168 
MCY "C4'" "H4'"  sing N N 169 
MCY "O3'" "HO3'" sing N N 170 
MCY "C5'" "O5'"  sing N N 171 
MCY "C5'" "H5'"  sing N N 172 
MCY "C5'" "H5''" sing N N 173 
MCY "O5'" "HO5'" sing N N 174 
MCY C5A   H5A1   sing N N 175 
MCY C5A   H5A2   sing N N 176 
MCY C5A   H5A3   sing N N 177 
# 
loop_
_ndb_struct_conf_na.entry_id 
_ndb_struct_conf_na.feature 
1G22 'double helix'         
1G22 'parallel strands'     
1G22 'mismatched base pair' 
1G22 'internal loop'        
# 
loop_
_ndb_struct_na_base_pair.model_number 
_ndb_struct_na_base_pair.i_label_asym_id 
_ndb_struct_na_base_pair.i_label_comp_id 
_ndb_struct_na_base_pair.i_label_seq_id 
_ndb_struct_na_base_pair.i_symmetry 
_ndb_struct_na_base_pair.j_label_asym_id 
_ndb_struct_na_base_pair.j_label_comp_id 
_ndb_struct_na_base_pair.j_label_seq_id 
_ndb_struct_na_base_pair.j_symmetry 
_ndb_struct_na_base_pair.shear 
_ndb_struct_na_base_pair.stretch 
_ndb_struct_na_base_pair.stagger 
_ndb_struct_na_base_pair.buckle 
_ndb_struct_na_base_pair.propeller 
_ndb_struct_na_base_pair.opening 
_ndb_struct_na_base_pair.pair_number 
_ndb_struct_na_base_pair.pair_name 
_ndb_struct_na_base_pair.i_auth_asym_id 
_ndb_struct_na_base_pair.i_auth_seq_id 
_ndb_struct_na_base_pair.i_PDB_ins_code 
_ndb_struct_na_base_pair.j_auth_asym_id 
_ndb_struct_na_base_pair.j_auth_seq_id 
_ndb_struct_na_base_pair.j_PDB_ins_code 
_ndb_struct_na_base_pair.hbond_type_28 
_ndb_struct_na_base_pair.hbond_type_12 
1 A MCY 1 1_555 A DC 11 1_555 2.421  2.091  -0.419 -5.448  -7.198  178.522  1 A_MCY1:DC11_A A 1 ? A 11 ? 15 2 
1 A DC  7 1_555 A DC 17 1_555 2.130  1.852  0.353  6.723   -5.296  177.363  2 A_DC7:DC17_A  A 7 ? A 17 ? 15 2 
1 A DC  2 1_555 A DC 12 1_555 -2.201 -1.893 -0.007 -3.484  8.967   -179.820 3 A_DC2:DC12_A  A 2 ? A 12 ? 15 2 
1 A DC  6 1_555 A DC 16 1_555 -2.115 -1.839 0.039  7.368   17.540  -179.847 4 A_DC6:DC16_A  A 6 ? A 16 ? 15 2 
1 A DA  3 1_555 A DU 13 1_555 -0.066 1.412  -0.243 -33.578 -18.194 164.604  5 A_DA3:DU13_A  A 3 ? A 13 ? 21 2 
# 
loop_
_ndb_struct_na_base_pair_step.model_number 
_ndb_struct_na_base_pair_step.i_label_asym_id_1 
_ndb_struct_na_base_pair_step.i_label_comp_id_1 
_ndb_struct_na_base_pair_step.i_label_seq_id_1 
_ndb_struct_na_base_pair_step.i_symmetry_1 
_ndb_struct_na_base_pair_step.j_label_asym_id_1 
_ndb_struct_na_base_pair_step.j_label_comp_id_1 
_ndb_struct_na_base_pair_step.j_label_seq_id_1 
_ndb_struct_na_base_pair_step.j_symmetry_1 
_ndb_struct_na_base_pair_step.i_label_asym_id_2 
_ndb_struct_na_base_pair_step.i_label_comp_id_2 
_ndb_struct_na_base_pair_step.i_label_seq_id_2 
_ndb_struct_na_base_pair_step.i_symmetry_2 
_ndb_struct_na_base_pair_step.j_label_asym_id_2 
_ndb_struct_na_base_pair_step.j_label_comp_id_2 
_ndb_struct_na_base_pair_step.j_label_seq_id_2 
_ndb_struct_na_base_pair_step.j_symmetry_2 
_ndb_struct_na_base_pair_step.shift 
_ndb_struct_na_base_pair_step.slide 
_ndb_struct_na_base_pair_step.rise 
_ndb_struct_na_base_pair_step.tilt 
_ndb_struct_na_base_pair_step.roll 
_ndb_struct_na_base_pair_step.twist 
_ndb_struct_na_base_pair_step.x_displacement 
_ndb_struct_na_base_pair_step.y_displacement 
_ndb_struct_na_base_pair_step.helical_rise 
_ndb_struct_na_base_pair_step.inclination 
_ndb_struct_na_base_pair_step.tip 
_ndb_struct_na_base_pair_step.helical_twist 
_ndb_struct_na_base_pair_step.step_number 
_ndb_struct_na_base_pair_step.step_name 
_ndb_struct_na_base_pair_step.i_auth_asym_id_1 
_ndb_struct_na_base_pair_step.i_auth_seq_id_1 
_ndb_struct_na_base_pair_step.i_PDB_ins_code_1 
_ndb_struct_na_base_pair_step.j_auth_asym_id_1 
_ndb_struct_na_base_pair_step.j_auth_seq_id_1 
_ndb_struct_na_base_pair_step.j_PDB_ins_code_1 
_ndb_struct_na_base_pair_step.i_auth_asym_id_2 
_ndb_struct_na_base_pair_step.i_auth_seq_id_2 
_ndb_struct_na_base_pair_step.i_PDB_ins_code_2 
_ndb_struct_na_base_pair_step.j_auth_asym_id_2 
_ndb_struct_na_base_pair_step.j_auth_seq_id_2 
_ndb_struct_na_base_pair_step.j_PDB_ins_code_2 
1 A MCY 1 1_555 A DC 11 1_555 A DC 7 1_555 A DC 17 1_555 -1.597 2.292  0.111 139.900  99.282   -35.646  -1.175 -0.764 0.011 
-51.337 72.339  -171.955 1 AA_MCY1DC7:DC17DC11_AA A 1 ? A 11 ? A 7 ? A 17 ? 
1 A DC  7 1_555 A DC 17 1_555 A DC 2 1_555 A DC 12 1_555 -3.204 -1.629 0.313 89.580   -143.878 -150.780 0.853  -1.579 0.381 72.083 
44.879  -177.351 2 AA_DC7DC2:DC12DC17_AA  A 7 ? A 17 ? A 2 ? A 12 ? 
1 A DC  2 1_555 A DC 12 1_555 A DC 6 1_555 A DC 16 1_555 -1.726 1.866  0.522 137.429  109.089  126.697  0.867  0.947  0.380 54.694 
-68.903 177.965  3 AA_DC2DC6:DC16DC12_AA  A 2 ? A 12 ? A 6 ? A 16 ? 
1 A DC  6 1_555 A DC 16 1_555 A DA 3 1_555 A DU 13 1_555 3.699  1.477  1.066 -101.529 133.090  -131.269 -0.951 1.690  1.411 
-66.988 -51.102 -174.808 4 AA_DC6DA3:DU13DC16_AA  A 6 ? A 16 ? A 3 ? A 13 ? 
# 
_pdbx_nmr_spectrometer.spectrometer_id   1 
_pdbx_nmr_spectrometer.model             INOVA 
_pdbx_nmr_spectrometer.manufacturer      Varian 
_pdbx_nmr_spectrometer.field_strength    500 
_pdbx_nmr_spectrometer.type              ? 
# 
_atom_sites.entry_id                    1G22 
_atom_sites.fract_transf_matrix[1][1]   1.000000 
_atom_sites.fract_transf_matrix[1][2]   0.000000 
_atom_sites.fract_transf_matrix[1][3]   0.000000 
_atom_sites.fract_transf_matrix[2][1]   0.000000 
_atom_sites.fract_transf_matrix[2][2]   1.000000 
_atom_sites.fract_transf_matrix[2][3]   0.000000 
_atom_sites.fract_transf_matrix[3][1]   0.000000 
_atom_sites.fract_transf_matrix[3][2]   0.000000 
_atom_sites.fract_transf_matrix[3][3]   1.000000 
_atom_sites.fract_transf_vector[1]      0.00000 
_atom_sites.fract_transf_vector[2]      0.00000 
_atom_sites.fract_transf_vector[3]      0.00000 
# 
loop_
_atom_type.symbol 
C 
H 
N 
O 
P 
# 
loop_
_atom_site.group_PDB 
_atom_site.id 
_atom_site.type_symbol 
_atom_site.label_atom_id 
_atom_site.label_alt_id 
_atom_site.label_comp_id 
_atom_site.label_asym_id 
_atom_site.label_entity_id 
_atom_site.label_seq_id 
_atom_site.pdbx_PDB_ins_code 
_atom_site.Cartn_x 
_atom_site.Cartn_y 
_atom_site.Cartn_z 
_atom_site.occupancy 
_atom_site.B_iso_or_equiv 
_atom_site.pdbx_formal_charge 
_atom_site.auth_seq_id 
_atom_site.auth_comp_id 
_atom_site.auth_asym_id 
_atom_site.auth_atom_id 
_atom_site.pdbx_PDB_model_num 
HETATM 1   N N1     . MCY A 1 1  ? -0.732  -3.973 7.601   1.00 0.00 ? 1  MCY A N1     1 
HETATM 2   C C2     . MCY A 1 1  ? 0.186   -2.997 7.280   1.00 0.00 ? 1  MCY A C2     1 
HETATM 3   N N3     . MCY A 1 1  ? 1.414   -3.402 6.868   1.00 0.00 ? 1  MCY A N3     1 
HETATM 4   C C4     . MCY A 1 1  ? 1.731   -4.706 6.774   1.00 0.00 ? 1  MCY A C4     1 
HETATM 5   C C5     . MCY A 1 1  ? 0.821   -5.653 7.090   1.00 0.00 ? 1  MCY A C5     1 
HETATM 6   C C6     . MCY A 1 1  ? -0.404  -5.288 7.503   1.00 0.00 ? 1  MCY A C6     1 
HETATM 7   O O2     . MCY A 1 1  ? -0.113  -1.806 7.361   1.00 0.00 ? 1  MCY A O2     1 
HETATM 8   N N4     . MCY A 1 1  ? 2.952   -5.055 6.367   1.00 0.00 ? 1  MCY A N4     1 
HETATM 9   C "C1'"  . MCY A 1 1  ? -2.072  -3.541 8.046   1.00 0.00 ? 1  MCY A "C1'"  1 
HETATM 10  C "C2'"  . MCY A 1 1  ? -3.150  -4.059 7.113   1.00 0.00 ? 1  MCY A "C2'"  1 
HETATM 11  C "C3'"  . MCY A 1 1  ? -4.207  -4.690 7.981   1.00 0.00 ? 1  MCY A "C3'"  1 
HETATM 12  C "C4'"  . MCY A 1 1  ? -3.716  -4.530 9.412   1.00 0.00 ? 1  MCY A "C4'"  1 
HETATM 13  O "O4'"  . MCY A 1 1  ? -2.365  -4.031 9.367   1.00 0.00 ? 1  MCY A "O4'"  1 
HETATM 14  O "O3'"  . MCY A 1 1  ? -5.473  -4.043 7.797   1.00 0.00 ? 1  MCY A "O3'"  1 
HETATM 15  C "C5'"  . MCY A 1 1  ? -3.779  -5.857 10.166  1.00 0.00 ? 1  MCY A "C5'"  1 
HETATM 16  O "O5'"  . MCY A 1 1  ? -5.078  -6.450 10.077  1.00 0.00 ? 1  MCY A "O5'"  1 
HETATM 17  C C5A    . MCY A 1 1  ? 1.179   -7.133 6.964   1.00 0.00 ? 1  MCY A C5A    1 
HETATM 18  H H6     . MCY A 1 1  ? -1.139  -6.051 7.762   1.00 0.00 ? 1  MCY A H6     1 
HETATM 19  H HN41   . MCY A 1 1  ? 3.202   -6.031 6.294   1.00 0.00 ? 1  MCY A HN41   1 
HETATM 20  H HN42   . MCY A 1 1  ? 3.625   -4.341 6.130   1.00 0.00 ? 1  MCY A HN42   1 
HETATM 21  H "H1'"  . MCY A 1 1  ? -2.113  -2.454 8.064   1.00 0.00 ? 1  MCY A "H1'"  1 
HETATM 22  H "H2'"  . MCY A 1 1  ? -2.732  -4.802 6.434   1.00 0.00 ? 1  MCY A "H2'"  1 
HETATM 23  H "H2''" . MCY A 1 1  ? -3.578  -3.235 6.544   1.00 0.00 ? 1  MCY A "H2''" 1 
HETATM 24  H "H3'"  . MCY A 1 1  ? -4.291  -5.751 7.739   1.00 0.00 ? 1  MCY A "H3'"  1 
HETATM 25  H "H4'"  . MCY A 1 1  ? -4.339  -3.798 9.919   1.00 0.00 ? 1  MCY A "H4'"  1 
HETATM 26  H "H5'"  . MCY A 1 1  ? -3.045  -6.542 9.742   1.00 0.00 ? 1  MCY A "H5'"  1 
HETATM 27  H "H5''" . MCY A 1 1  ? -3.540  -5.682 11.214  1.00 0.00 ? 1  MCY A "H5''" 1 
HETATM 28  H "HO5'" . MCY A 1 1  ? -5.292  -6.802 10.944  1.00 0.00 ? 1  MCY A "HO5'" 1 
HETATM 29  H H5A1   . MCY A 1 1  ? 0.331   -7.742 7.279   1.00 0.00 ? 1  MCY A H5A1   1 
HETATM 30  H H5A2   . MCY A 1 1  ? 2.039   -7.354 7.597   1.00 0.00 ? 1  MCY A H5A2   1 
HETATM 31  H H5A3   . MCY A 1 1  ? 1.425   -7.360 5.927   1.00 0.00 ? 1  MCY A H5A3   1 
ATOM   32  P P      . DC  A 1 2  ? -6.346  -4.313 6.470   1.00 0.00 ? 2  DC  A P      1 
ATOM   33  O OP1    . DC  A 1 2  ? -6.877  -3.016 5.995   1.00 0.00 ? 2  DC  A OP1    1 
ATOM   34  O OP2    . DC  A 1 2  ? -7.274  -5.432 6.745   1.00 0.00 ? 2  DC  A OP2    1 
ATOM   35  O "O5'"  . DC  A 1 2  ? -5.237  -4.825 5.418   1.00 0.00 ? 2  DC  A "O5'"  1 
ATOM   36  C "C5'"  . DC  A 1 2  ? -5.508  -4.847 4.015   1.00 0.00 ? 2  DC  A "C5'"  1 
ATOM   37  C "C4'"  . DC  A 1 2  ? -5.441  -3.450 3.406   1.00 0.00 ? 2  DC  A "C4'"  1 
ATOM   38  O "O4'"  . DC  A 1 2  ? -4.082  -2.992 3.318   1.00 0.00 ? 2  DC  A "O4'"  1 
ATOM   39  C "C3'"  . DC  A 1 2  ? -6.030  -3.441 2.004   1.00 0.00 ? 2  DC  A "C3'"  1 
ATOM   40  O "O3'"  . DC  A 1 2  ? -7.316  -2.810 1.987   1.00 0.00 ? 2  DC  A "O3'"  1 
ATOM   41  C "C2'"  . DC  A 1 2  ? -5.045  -2.690 1.149   1.00 0.00 ? 2  DC  A "C2'"  1 
ATOM   42  C "C1'"  . DC  A 1 2  ? -3.831  -2.420 2.019   1.00 0.00 ? 2  DC  A "C1'"  1 
ATOM   43  N N1     . DC  A 1 2  ? -2.617  -3.014 1.430   1.00 0.00 ? 2  DC  A N1     1 
ATOM   44  C C2     . DC  A 1 2  ? -1.574  -2.162 1.097   1.00 0.00 ? 2  DC  A C2     1 
ATOM   45  O O2     . DC  A 1 2  ? -1.689  -0.949 1.254   1.00 0.00 ? 2  DC  A O2     1 
ATOM   46  N N3     . DC  A 1 2  ? -0.438  -2.710 0.591   1.00 0.00 ? 2  DC  A N3     1 
ATOM   47  C C4     . DC  A 1 2  ? -0.327  -4.033 0.414   1.00 0.00 ? 2  DC  A C4     1 
ATOM   48  N N4     . DC  A 1 2  ? 0.808   -4.529 -0.077  1.00 0.00 ? 2  DC  A N4     1 
ATOM   49  C C5     . DC  A 1 2  ? -1.403  -4.914 0.751   1.00 0.00 ? 2  DC  A C5     1 
ATOM   50  C C6     . DC  A 1 2  ? -2.525  -4.363 1.252   1.00 0.00 ? 2  DC  A C6     1 
ATOM   51  H "H5'"  . DC  A 1 2  ? -6.503  -5.261 3.851   1.00 0.00 ? 2  DC  A "H5'"  1 
ATOM   52  H "H5''" . DC  A 1 2  ? -4.773  -5.484 3.523   1.00 0.00 ? 2  DC  A "H5''" 1 
ATOM   53  H "H4'"  . DC  A 1 2  ? -5.997  -2.757 4.035   1.00 0.00 ? 2  DC  A "H4'"  1 
ATOM   54  H "H3'"  . DC  A 1 2  ? -6.110  -4.468 1.639   1.00 0.00 ? 2  DC  A "H3'"  1 
ATOM   55  H "H2'"  . DC  A 1 2  ? -4.762  -3.294 0.288   1.00 0.00 ? 2  DC  A "H2'"  1 
ATOM   56  H "H2''" . DC  A 1 2  ? -5.481  -1.748 0.817   1.00 0.00 ? 2  DC  A "H2''" 1 
ATOM   57  H "H1'"  . DC  A 1 2  ? -3.698  -1.344 2.125   1.00 0.00 ? 2  DC  A "H1'"  1 
ATOM   58  H H41    . DC  A 1 2  ? 1.571   -3.908 -0.305  1.00 0.00 ? 2  DC  A H41    1 
ATOM   59  H H42    . DC  A 1 2  ? 0.907   -5.526 -0.213  1.00 0.00 ? 2  DC  A H42    1 
ATOM   60  H H5     . DC  A 1 2  ? -1.316  -5.990 0.611   1.00 0.00 ? 2  DC  A H5     1 
ATOM   61  H H6     . DC  A 1 2  ? -3.374  -5.001 1.513   1.00 0.00 ? 2  DC  A H6     1 
ATOM   62  P P      . DA  A 1 3  ? -8.318  -3.015 0.740   1.00 0.00 ? 3  DA  A P      1 
ATOM   63  O OP1    . DA  A 1 3  ? -9.229  -1.850 0.684   1.00 0.00 ? 3  DA  A OP1    1 
ATOM   64  O OP2    . DA  A 1 3  ? -8.876  -4.384 0.816   1.00 0.00 ? 3  DA  A OP2    1 
ATOM   65  O "O5'"  . DA  A 1 3  ? -7.327  -2.941 -0.527  1.00 0.00 ? 3  DA  A "O5'"  1 
ATOM   66  C "C5'"  . DA  A 1 3  ? -7.810  -3.178 -1.854  1.00 0.00 ? 3  DA  A "C5'"  1 
ATOM   67  C "C4'"  . DA  A 1 3  ? -7.816  -1.898 -2.683  1.00 0.00 ? 3  DA  A "C4'"  1 
ATOM   68  O "O4'"  . DA  A 1 3  ? -6.475  -1.375 -2.822  1.00 0.00 ? 3  DA  A "O4'"  1 
ATOM   69  C "C3'"  . DA  A 1 3  ? -8.373  -2.157 -4.078  1.00 0.00 ? 3  DA  A "C3'"  1 
ATOM   70  O "O3'"  . DA  A 1 3  ? -9.534  -1.344 -4.318  1.00 0.00 ? 3  DA  A "O3'"  1 
ATOM   71  C "C2'"  . DA  A 1 3  ? -7.256  -1.815 -5.032  1.00 0.00 ? 3  DA  A "C2'"  1 
ATOM   72  C "C1'"  . DA  A 1 3  ? -6.174  -1.140 -4.213  1.00 0.00 ? 3  DA  A "C1'"  1 
ATOM   73  N N9     . DA  A 1 3  ? -4.837  -1.653 -4.571  1.00 0.00 ? 3  DA  A N9     1 
ATOM   74  C C8     . DA  A 1 3  ? -4.403  -2.930 -4.708  1.00 0.00 ? 3  DA  A C8     1 
ATOM   75  N N7     . DA  A 1 3  ? -3.175  -3.109 -5.062  1.00 0.00 ? 3  DA  A N7     1 
ATOM   76  C C5     . DA  A 1 3  ? -2.721  -1.790 -5.179  1.00 0.00 ? 3  DA  A C5     1 
ATOM   77  C C6     . DA  A 1 3  ? -1.482  -1.242 -5.530  1.00 0.00 ? 3  DA  A C6     1 
ATOM   78  N N6     . DA  A 1 3  ? -0.421  -1.982 -5.849  1.00 0.00 ? 3  DA  A N6     1 
ATOM   79  N N1     . DA  A 1 3  ? -1.382  0.099  -5.545  1.00 0.00 ? 3  DA  A N1     1 
ATOM   80  C C2     . DA  A 1 3  ? -2.434  0.859  -5.235  1.00 0.00 ? 3  DA  A C2     1 
ATOM   81  N N3     . DA  A 1 3  ? -3.649  0.446  -4.889  1.00 0.00 ? 3  DA  A N3     1 
ATOM   82  C C4     . DA  A 1 3  ? -3.726  -0.901 -4.881  1.00 0.00 ? 3  DA  A C4     1 
ATOM   83  H "H5'"  . DA  A 1 3  ? -8.825  -3.574 -1.800  1.00 0.00 ? 3  DA  A "H5'"  1 
ATOM   84  H "H5''" . DA  A 1 3  ? -7.167  -3.914 -2.339  1.00 0.00 ? 3  DA  A "H5''" 1 
ATOM   85  H "H4'"  . DA  A 1 3  ? -8.436  -1.154 -2.184  1.00 0.00 ? 3  DA  A "H4'"  1 
ATOM   86  H "H3'"  . DA  A 1 3  ? -8.630  -3.214 -4.181  1.00 0.00 ? 3  DA  A "H3'"  1 
ATOM   87  H "H2'"  . DA  A 1 3  ? -6.867  -2.726 -5.486  1.00 0.00 ? 3  DA  A "H2'"  1 
ATOM   88  H "H2''" . DA  A 1 3  ? -7.614  -1.138 -5.804  1.00 0.00 ? 3  DA  A "H2''" 1 
ATOM   89  H "H1'"  . DA  A 1 3  ? -6.206  -0.066 -4.404  1.00 0.00 ? 3  DA  A "H1'"  1 
ATOM   90  H H8     . DA  A 1 3  ? -5.067  -3.776 -4.525  1.00 0.00 ? 3  DA  A H8     1 
ATOM   91  H H61    . DA  A 1 3  ? 0.449   -1.535 -6.099  1.00 0.00 ? 3  DA  A H61    1 
ATOM   92  H H62    . DA  A 1 3  ? -0.488  -2.989 -5.845  1.00 0.00 ? 3  DA  A H62    1 
ATOM   93  H H2     . DA  A 1 3  ? -2.280  1.937  -5.267  1.00 0.00 ? 3  DA  A H2     1 
ATOM   94  P P      . DT  A 1 4  ? -10.140 -1.165 -5.805  1.00 0.00 ? 4  DT  A P      1 
ATOM   95  O OP1    . DT  A 1 4  ? -11.459 -0.504 -5.688  1.00 0.00 ? 4  DT  A OP1    1 
ATOM   96  O OP2    . DT  A 1 4  ? -10.024 -2.459 -6.515  1.00 0.00 ? 4  DT  A OP2    1 
ATOM   97  O "O5'"  . DT  A 1 4  ? -9.112  -0.123 -6.481  1.00 0.00 ? 4  DT  A "O5'"  1 
ATOM   98  C "C5'"  . DT  A 1 4  ? -8.811  1.123  -5.842  1.00 0.00 ? 4  DT  A "C5'"  1 
ATOM   99  C "C4'"  . DT  A 1 4  ? -7.818  1.955  -6.658  1.00 0.00 ? 4  DT  A "C4'"  1 
ATOM   100 O "O4'"  . DT  A 1 4  ? -6.494  1.407  -6.554  1.00 0.00 ? 4  DT  A "O4'"  1 
ATOM   101 C "C3'"  . DT  A 1 4  ? -8.196  1.994  -8.137  1.00 0.00 ? 4  DT  A "C3'"  1 
ATOM   102 O "O3'"  . DT  A 1 4  ? -8.695  3.284  -8.516  1.00 0.00 ? 4  DT  A "O3'"  1 
ATOM   103 C "C2'"  . DT  A 1 4  ? -6.923  1.682  -8.883  1.00 0.00 ? 4  DT  A "C2'"  1 
ATOM   104 C "C1'"  . DT  A 1 4  ? -5.842  1.495  -7.830  1.00 0.00 ? 4  DT  A "C1'"  1 
ATOM   105 N N1     . DT  A 1 4  ? -5.025  0.289  -8.093  1.00 0.00 ? 4  DT  A N1     1 
ATOM   106 C C2     . DT  A 1 4  ? -3.653  0.451  -8.186  1.00 0.00 ? 4  DT  A C2     1 
ATOM   107 O O2     . DT  A 1 4  ? -3.112  1.550  -8.081  1.00 0.00 ? 4  DT  A O2     1 
ATOM   108 N N3     . DT  A 1 4  ? -2.919  -0.700 -8.407  1.00 0.00 ? 4  DT  A N3     1 
ATOM   109 C C4     . DT  A 1 4  ? -3.430  -1.979 -8.541  1.00 0.00 ? 4  DT  A C4     1 
ATOM   110 O O4     . DT  A 1 4  ? -2.680  -2.935 -8.733  1.00 0.00 ? 4  DT  A O4     1 
ATOM   111 C C5     . DT  A 1 4  ? -4.870  -2.052 -8.432  1.00 0.00 ? 4  DT  A C5     1 
ATOM   112 C C7     . DT  A 1 4  ? -5.566  -3.405 -8.556  1.00 0.00 ? 4  DT  A C7     1 
ATOM   113 C C6     . DT  A 1 4  ? -5.608  -0.944 -8.217  1.00 0.00 ? 4  DT  A C6     1 
ATOM   114 H "H5'"  . DT  A 1 4  ? -8.380  0.922  -4.861  1.00 0.00 ? 4  DT  A "H5'"  1 
ATOM   115 H "H5''" . DT  A 1 4  ? -9.737  1.684  -5.716  1.00 0.00 ? 4  DT  A "H5''" 1 
ATOM   116 H "H4'"  . DT  A 1 4  ? -7.795  2.976  -6.277  1.00 0.00 ? 4  DT  A "H4'"  1 
ATOM   117 H "H3'"  . DT  A 1 4  ? -8.942  1.224  -8.347  1.00 0.00 ? 4  DT  A "H3'"  1 
ATOM   118 H "H2'"  . DT  A 1 4  ? -7.044  0.770  -9.468  1.00 0.00 ? 4  DT  A "H2'"  1 
ATOM   119 H "H2''" . DT  A 1 4  ? -6.664  2.514  -9.539  1.00 0.00 ? 4  DT  A "H2''" 1 
ATOM   120 H "H1'"  . DT  A 1 4  ? -5.202  2.373  -7.825  1.00 0.00 ? 4  DT  A "H1'"  1 
ATOM   121 H H3     . DT  A 1 4  ? -1.917  -0.599 -8.477  1.00 0.00 ? 4  DT  A H3     1 
ATOM   122 H H71    . DT  A 1 4  ? -6.117  -3.446 -9.495  1.00 0.00 ? 4  DT  A H71    1 
ATOM   123 H H72    . DT  A 1 4  ? -6.256  -3.537 -7.723  1.00 0.00 ? 4  DT  A H72    1 
ATOM   124 H H73    . DT  A 1 4  ? -4.820  -4.201 -8.538  1.00 0.00 ? 4  DT  A H73    1 
ATOM   125 H H6     . DT  A 1 4  ? -6.693  -1.030 -8.150  1.00 0.00 ? 4  DT  A H6     1 
ATOM   126 P P      . DT  A 1 5  ? -10.045 3.891  -7.874  1.00 0.00 ? 5  DT  A P      1 
ATOM   127 O OP1    . DT  A 1 5  ? -10.664 2.861  -7.008  1.00 0.00 ? 5  DT  A OP1    1 
ATOM   128 O OP2    . DT  A 1 5  ? -10.837 4.508  -8.962  1.00 0.00 ? 5  DT  A OP2    1 
ATOM   129 O "O5'"  . DT  A 1 5  ? -9.479  5.070  -6.933  1.00 0.00 ? 5  DT  A "O5'"  1 
ATOM   130 C "C5'"  . DT  A 1 5  ? -8.728  6.154  -7.495  1.00 0.00 ? 5  DT  A "C5'"  1 
ATOM   131 C "C4'"  . DT  A 1 5  ? -7.460  6.437  -6.692  1.00 0.00 ? 5  DT  A "C4'"  1 
ATOM   132 O "O4'"  . DT  A 1 5  ? -6.704  7.509  -7.297  1.00 0.00 ? 5  DT  A "O4'"  1 
ATOM   133 C "C3'"  . DT  A 1 5  ? -7.804  6.840  -5.265  1.00 0.00 ? 5  DT  A "C3'"  1 
ATOM   134 O "O3'"  . DT  A 1 5  ? -7.307  5.875  -4.331  1.00 0.00 ? 5  DT  A "O3'"  1 
ATOM   135 C "C2'"  . DT  A 1 5  ? -7.161  8.185  -5.044  1.00 0.00 ? 5  DT  A "C2'"  1 
ATOM   136 C "C1'"  . DT  A 1 5  ? -6.473  8.568  -6.344  1.00 0.00 ? 5  DT  A "C1'"  1 
ATOM   137 N N1     . DT  A 1 5  ? -6.989  9.856  -6.859  1.00 0.00 ? 5  DT  A N1     1 
ATOM   138 C C2     . DT  A 1 5  ? -6.124  10.938 -6.863  1.00 0.00 ? 5  DT  A C2     1 
ATOM   139 O O2     . DT  A 1 5  ? -4.968  10.857 -6.450  1.00 0.00 ? 5  DT  A O2     1 
ATOM   140 N N3     . DT  A 1 5  ? -6.636  12.122 -7.358  1.00 0.00 ? 5  DT  A N3     1 
ATOM   141 C C4     . DT  A 1 5  ? -7.918  12.318 -7.842  1.00 0.00 ? 5  DT  A C4     1 
ATOM   142 O O4     . DT  A 1 5  ? -8.267  13.420 -8.262  1.00 0.00 ? 5  DT  A O4     1 
ATOM   143 C C5     . DT  A 1 5  ? -8.749  11.136 -7.800  1.00 0.00 ? 5  DT  A C5     1 
ATOM   144 C C7     . DT  A 1 5  ? -10.187 11.209 -8.307  1.00 0.00 ? 5  DT  A C7     1 
ATOM   145 C C6     . DT  A 1 5  ? -8.275  9.968  -7.321  1.00 0.00 ? 5  DT  A C6     1 
ATOM   146 H "H5'"  . DT  A 1 5  ? -9.350  7.048  -7.506  1.00 0.00 ? 5  DT  A "H5'"  1 
ATOM   147 H "H5''" . DT  A 1 5  ? -8.450  5.903  -8.519  1.00 0.00 ? 5  DT  A "H5''" 1 
ATOM   148 H "H4'"  . DT  A 1 5  ? -6.844  5.539  -6.671  1.00 0.00 ? 5  DT  A "H4'"  1 
ATOM   149 H "H3'"  . DT  A 1 5  ? -8.887  6.934  -5.162  1.00 0.00 ? 5  DT  A "H3'"  1 
ATOM   150 H "H2'"  . DT  A 1 5  ? -7.923  8.924  -4.793  1.00 0.00 ? 5  DT  A "H2'"  1 
ATOM   151 H "H2''" . DT  A 1 5  ? -6.428  8.119  -4.240  1.00 0.00 ? 5  DT  A "H2''" 1 
ATOM   152 H "H1'"  . DT  A 1 5  ? -5.402  8.659  -6.168  1.00 0.00 ? 5  DT  A "H1'"  1 
ATOM   153 H H3     . DT  A 1 5  ? -6.018  12.920 -7.367  1.00 0.00 ? 5  DT  A H3     1 
ATOM   154 H H71    . DT  A 1 5  ? -10.857 10.769 -7.568  1.00 0.00 ? 5  DT  A H71    1 
ATOM   155 H H72    . DT  A 1 5  ? -10.270 10.660 -9.245  1.00 0.00 ? 5  DT  A H72    1 
ATOM   156 H H73    . DT  A 1 5  ? -10.462 12.251 -8.471  1.00 0.00 ? 5  DT  A H73    1 
ATOM   157 H H6     . DT  A 1 5  ? -8.927  9.096  -7.298  1.00 0.00 ? 5  DT  A H6     1 
ATOM   158 P P      . DC  A 1 6  ? -8.051  5.634  -2.921  1.00 0.00 ? 6  DC  A P      1 
ATOM   159 O OP1    . DC  A 1 6  ? -9.500  5.875  -3.112  1.00 0.00 ? 6  DC  A OP1    1 
ATOM   160 O OP2    . DC  A 1 6  ? -7.312  6.375  -1.875  1.00 0.00 ? 6  DC  A OP2    1 
ATOM   161 O "O5'"  . DC  A 1 6  ? -7.834  4.057  -2.671  1.00 0.00 ? 6  DC  A "O5'"  1 
ATOM   162 C "C5'"  . DC  A 1 6  ? -6.521  3.492  -2.665  1.00 0.00 ? 6  DC  A "C5'"  1 
ATOM   163 C "C4'"  . DC  A 1 6  ? -6.505  2.128  -1.978  1.00 0.00 ? 6  DC  A "C4'"  1 
ATOM   164 O "O4'"  . DC  A 1 6  ? -5.538  1.256  -2.589  1.00 0.00 ? 6  DC  A "O4'"  1 
ATOM   165 C "C3'"  . DC  A 1 6  ? -6.154  2.255  -0.503  1.00 0.00 ? 6  DC  A "C3'"  1 
ATOM   166 O "O3'"  . DC  A 1 6  ? -7.321  2.133  0.318   1.00 0.00 ? 6  DC  A "O3'"  1 
ATOM   167 C "C2'"  . DC  A 1 6  ? -5.177  1.144  -0.225  1.00 0.00 ? 6  DC  A "C2'"  1 
ATOM   168 C "C1'"  . DC  A 1 6  ? -4.786  0.564  -1.573  1.00 0.00 ? 6  DC  A "C1'"  1 
ATOM   169 N N1     . DC  A 1 6  ? -3.335  0.711  -1.809  1.00 0.00 ? 6  DC  A N1     1 
ATOM   170 C C2     . DC  A 1 6  ? -2.576  -0.447 -1.900  1.00 0.00 ? 6  DC  A C2     1 
ATOM   171 O O2     . DC  A 1 6  ? -3.108  -1.549 -1.779  1.00 0.00 ? 6  DC  A O2     1 
ATOM   172 N N3     . DC  A 1 6  ? -1.241  -0.324 -2.127  1.00 0.00 ? 6  DC  A N3     1 
ATOM   173 C C4     . DC  A 1 6  ? -0.670  0.879  -2.256  1.00 0.00 ? 6  DC  A C4     1 
ATOM   174 N N4     . DC  A 1 6  ? 0.641   0.958  -2.479  1.00 0.00 ? 6  DC  A N4     1 
ATOM   175 C C5     . DC  A 1 6  ? -1.448  2.076  -2.159  1.00 0.00 ? 6  DC  A C5     1 
ATOM   176 C C6     . DC  A 1 6  ? -2.769  1.947  -1.936  1.00 0.00 ? 6  DC  A C6     1 
ATOM   177 H "H5'"  . DC  A 1 6  ? -5.843  4.165  -2.140  1.00 0.00 ? 6  DC  A "H5'"  1 
ATOM   178 H "H5''" . DC  A 1 6  ? -6.179  3.374  -3.693  1.00 0.00 ? 6  DC  A "H5''" 1 
ATOM   179 H "H4'"  . DC  A 1 6  ? -7.488  1.671  -2.067  1.00 0.00 ? 6  DC  A "H4'"  1 
ATOM   180 H "H3'"  . DC  A 1 6  ? -5.666  3.216  -0.325  1.00 0.00 ? 6  DC  A "H3'"  1 
ATOM   181 H "H2'"  . DC  A 1 6  ? -4.298  1.536  0.288   1.00 0.00 ? 6  DC  A "H2'"  1 
ATOM   182 H "H2''" . DC  A 1 6  ? -5.652  0.376  0.387   1.00 0.00 ? 6  DC  A "H2''" 1 
ATOM   183 H "H1'"  . DC  A 1 6  ? -5.049  -0.491 -1.598  1.00 0.00 ? 6  DC  A "H1'"  1 
ATOM   184 H H41    . DC  A 1 6  ? 1.189   0.112  -2.552  1.00 0.00 ? 6  DC  A H41    1 
ATOM   185 H H42    . DC  A 1 6  ? 1.084   1.860  -2.578  1.00 0.00 ? 6  DC  A H42    1 
ATOM   186 H H5     . DC  A 1 6  ? -0.987  3.059  -2.261  1.00 0.00 ? 6  DC  A H5     1 
ATOM   187 H H6     . DC  A 1 6  ? -3.396  2.840  -1.856  1.00 0.00 ? 6  DC  A H6     1 
ATOM   188 P P      . DC  A 1 7  ? -7.289  2.584  1.866   1.00 0.00 ? 7  DC  A P      1 
ATOM   189 O OP1    . DC  A 1 7  ? -8.474  2.009  2.539   1.00 0.00 ? 7  DC  A OP1    1 
ATOM   190 O OP2    . DC  A 1 7  ? -7.046  4.043  1.918   1.00 0.00 ? 7  DC  A OP2    1 
ATOM   191 O "O5'"  . DC  A 1 7  ? -5.977  1.834  2.426   1.00 0.00 ? 7  DC  A "O5'"  1 
ATOM   192 C "C5'"  . DC  A 1 7  ? -5.699  1.788  3.828   1.00 0.00 ? 7  DC  A "C5'"  1 
ATOM   193 C "C4'"  . DC  A 1 7  ? -5.369  0.370  4.285   1.00 0.00 ? 7  DC  A "C4'"  1 
ATOM   194 O "O4'"  . DC  A 1 7  ? -4.196  -0.121 3.612   1.00 0.00 ? 7  DC  A "O4'"  1 
ATOM   195 C "C3'"  . DC  A 1 7  ? -5.108  0.326  5.785   1.00 0.00 ? 7  DC  A "C3'"  1 
ATOM   196 O "O3'"  . DC  A 1 7  ? -6.132  -0.412 6.462   1.00 0.00 ? 7  DC  A "O3'"  1 
ATOM   197 C "C2'"  . DC  A 1 7  ? -3.767  -0.344 5.951   1.00 0.00 ? 7  DC  A "C2'"  1 
ATOM   198 C "C1'"  . DC  A 1 7  ? -3.294  -0.721 4.560   1.00 0.00 ? 7  DC  A "C1'"  1 
ATOM   199 N N1     . DC  A 1 7  ? -1.910  -0.262 4.317   1.00 0.00 ? 7  DC  A N1     1 
ATOM   200 C C2     . DC  A 1 7  ? -0.920  -1.227 4.185   1.00 0.00 ? 7  DC  A C2     1 
ATOM   201 O O2     . DC  A 1 7  ? -1.193  -2.420 4.305   1.00 0.00 ? 7  DC  A O2     1 
ATOM   202 N N3     . DC  A 1 7  ? 0.350   -0.812 3.924   1.00 0.00 ? 7  DC  A N3     1 
ATOM   203 C C4     . DC  A 1 7  ? 0.639   0.491  3.800   1.00 0.00 ? 7  DC  A C4     1 
ATOM   204 N N4     . DC  A 1 7  ? 1.893   0.860  3.540   1.00 0.00 ? 7  DC  A N4     1 
ATOM   205 C C5     . DC  A 1 7  ? -0.377  1.486  3.941   1.00 0.00 ? 7  DC  A C5     1 
ATOM   206 C C6     . DC  A 1 7  ? -1.629  1.069  4.198   1.00 0.00 ? 7  DC  A C6     1 
ATOM   207 H "H5'"  . DC  A 1 7  ? -6.570  2.145  4.378   1.00 0.00 ? 7  DC  A "H5'"  1 
ATOM   208 H "H5''" . DC  A 1 7  ? -4.851  2.438  4.044   1.00 0.00 ? 7  DC  A "H5''" 1 
ATOM   209 H "H4'"  . DC  A 1 7  ? -6.203  -0.286 4.046   1.00 0.00 ? 7  DC  A "H4'"  1 
ATOM   210 H "H3'"  . DC  A 1 7  ? -5.057  1.344  6.179   1.00 0.00 ? 7  DC  A "H3'"  1 
ATOM   211 H "H2'"  . DC  A 1 7  ? -3.060  0.344  6.412   1.00 0.00 ? 7  DC  A "H2'"  1 
ATOM   212 H "H2''" . DC  A 1 7  ? -3.872  -1.237 6.564   1.00 0.00 ? 7  DC  A "H2''" 1 
ATOM   213 H "H1'"  . DC  A 1 7  ? -3.343  -1.806 4.450   1.00 0.00 ? 7  DC  A "H1'"  1 
ATOM   214 H H41    . DC  A 1 7  ? 2.611   0.159  3.427   1.00 0.00 ? 7  DC  A H41    1 
ATOM   215 H H42    . DC  A 1 7  ? 2.122   1.839  3.444   1.00 0.00 ? 7  DC  A H42    1 
ATOM   216 H H5     . DC  A 1 7  ? -0.145  2.546  3.839   1.00 0.00 ? 7  DC  A H5     1 
ATOM   217 H H6     . DC  A 1 7  ? -2.428  1.802  4.312   1.00 0.00 ? 7  DC  A H6     1 
ATOM   218 P P      . DA  A 1 8  ? -6.456  -0.144 8.018   1.00 0.00 ? 8  DA  A P      1 
ATOM   219 O OP1    . DA  A 1 8  ? -6.876  -1.425 8.628   1.00 0.00 ? 8  DA  A OP1    1 
ATOM   220 O OP2    . DA  A 1 8  ? -7.342  1.039  8.107   1.00 0.00 ? 8  DA  A OP2    1 
ATOM   221 O "O5'"  . DA  A 1 8  ? -5.016  0.260  8.624   1.00 0.00 ? 8  DA  A "O5'"  1 
ATOM   222 C "C5'"  . DA  A 1 8  ? -4.232  -0.694 9.348   1.00 0.00 ? 8  DA  A "C5'"  1 
ATOM   223 C "C4'"  . DA  A 1 8  ? -2.864  -0.130 9.727   1.00 0.00 ? 8  DA  A "C4'"  1 
ATOM   224 O "O4'"  . DA  A 1 8  ? -2.332  0.692  8.667   1.00 0.00 ? 8  DA  A "O4'"  1 
ATOM   225 C "C3'"  . DA  A 1 8  ? -2.951  0.723  10.986  1.00 0.00 ? 8  DA  A "C3'"  1 
ATOM   226 O "O3'"  . DA  A 1 8  ? -2.345  0.053  12.098  1.00 0.00 ? 8  DA  A "O3'"  1 
ATOM   227 C "C2'"  . DA  A 1 8  ? -2.222  2.002  10.663  1.00 0.00 ? 8  DA  A "C2'"  1 
ATOM   228 C "C1'"  . DA  A 1 8  ? -1.745  1.882  9.224   1.00 0.00 ? 8  DA  A "C1'"  1 
ATOM   229 N N9     . DA  A 1 8  ? -2.113  3.075  8.434   1.00 0.00 ? 8  DA  A N9     1 
ATOM   230 C C8     . DA  A 1 8  ? -3.288  3.752  8.374   1.00 0.00 ? 8  DA  A C8     1 
ATOM   231 N N7     . DA  A 1 8  ? -3.348  4.772  7.583   1.00 0.00 ? 8  DA  A N7     1 
ATOM   232 C C5     . DA  A 1 8  ? -2.057  4.787  7.045   1.00 0.00 ? 8  DA  A C5     1 
ATOM   233 C C6     . DA  A 1 8  ? -1.426  5.626  6.119   1.00 0.00 ? 8  DA  A C6     1 
ATOM   234 N N6     . DA  A 1 8  ? -2.034  6.659  5.538   1.00 0.00 ? 8  DA  A N6     1 
ATOM   235 N N1     . DA  A 1 8  ? -0.144  5.357  5.812   1.00 0.00 ? 8  DA  A N1     1 
ATOM   236 C C2     . DA  A 1 8  ? 0.483   4.326  6.380   1.00 0.00 ? 8  DA  A C2     1 
ATOM   237 N N3     . DA  A 1 8  ? -0.016  3.471  7.266   1.00 0.00 ? 8  DA  A N3     1 
ATOM   238 C C4     . DA  A 1 8  ? -1.300  3.760  7.558   1.00 0.00 ? 8  DA  A C4     1 
ATOM   239 H "H5'"  . DA  A 1 8  ? -4.092  -1.581 8.731   1.00 0.00 ? 8  DA  A "H5'"  1 
ATOM   240 H "H5''" . DA  A 1 8  ? -4.765  -0.976 10.257  1.00 0.00 ? 8  DA  A "H5''" 1 
ATOM   241 H "H4'"  . DA  A 1 8  ? -2.175  -0.953 9.907   1.00 0.00 ? 8  DA  A "H4'"  1 
ATOM   242 H "H3'"  . DA  A 1 8  ? -3.997  0.945  11.205  1.00 0.00 ? 8  DA  A "H3'"  1 
ATOM   243 H "H2'"  . DA  A 1 8  ? -2.897  2.852  10.765  1.00 0.00 ? 8  DA  A "H2'"  1 
ATOM   244 H "H2''" . DA  A 1 8  ? -1.368  2.122  11.328  1.00 0.00 ? 8  DA  A "H2''" 1 
ATOM   245 H "H1'"  . DA  A 1 8  ? -0.665  1.771  9.219   1.00 0.00 ? 8  DA  A "H1'"  1 
ATOM   246 H H8     . DA  A 1 8  ? -4.146  3.452  8.974   1.00 0.00 ? 8  DA  A H8     1 
ATOM   247 H H61    . DA  A 1 8  ? -1.533  7.233  4.876   1.00 0.00 ? 8  DA  A H61    1 
ATOM   248 H H62    . DA  A 1 8  ? -2.997  6.869  5.762   1.00 0.00 ? 8  DA  A H62    1 
ATOM   249 H H2     . DA  A 1 8  ? 1.520   4.166  6.084   1.00 0.00 ? 8  DA  A H2     1 
ATOM   250 P P      . DU  A 1 9  ? -2.905  0.270  13.594  1.00 0.00 ? 9  DU  A P      1 
ATOM   251 O OP1    . DU  A 1 9  ? -4.120  -0.561 13.757  1.00 0.00 ? 9  DU  A OP1    1 
ATOM   252 O OP2    . DU  A 1 9  ? -2.969  1.726  13.857  1.00 0.00 ? 9  DU  A OP2    1 
ATOM   253 O "O5'"  . DU  A 1 9  ? -1.738  -0.357 14.515  1.00 0.00 ? 9  DU  A "O5'"  1 
ATOM   254 C "C5'"  . DU  A 1 9  ? -0.399  -0.495 14.021  1.00 0.00 ? 9  DU  A "C5'"  1 
ATOM   255 C "C4'"  . DU  A 1 9  ? 0.231   0.861  13.710  1.00 0.00 ? 9  DU  A "C4'"  1 
ATOM   256 O "O4'"  . DU  A 1 9  ? 0.779   1.460  14.899  1.00 0.00 ? 9  DU  A "O4'"  1 
ATOM   257 C "C3'"  . DU  A 1 9  ? 1.353   0.723  12.691  1.00 0.00 ? 9  DU  A "C3'"  1 
ATOM   258 O "O3'"  . DU  A 1 9  ? 0.990   1.338  11.450  1.00 0.00 ? 9  DU  A "O3'"  1 
ATOM   259 C "C2'"  . DU  A 1 9  ? 2.546   1.413  13.301  1.00 0.00 ? 9  DU  A "C2'"  1 
ATOM   260 C "C1'"  . DU  A 1 9  ? 2.073   2.023  14.613  1.00 0.00 ? 9  DU  A "C1'"  1 
ATOM   261 N N1     . DU  A 1 9  ? 3.040   1.769  15.717  1.00 0.00 ? 9  DU  A N1     1 
ATOM   262 C C2     . DU  A 1 9  ? 2.542   1.654  17.011  1.00 0.00 ? 9  DU  A C2     1 
ATOM   263 O O2     . DU  A 1 9  ? 1.345   1.759  17.273  1.00 0.00 ? 9  DU  A O2     1 
ATOM   264 N N3     . DU  A 1 9  ? 3.477   1.424  18.004  1.00 0.00 ? 9  DU  A N3     1 
ATOM   265 C C4     . DU  A 1 9  ? 4.844   1.302  17.830  1.00 0.00 ? 9  DU  A C4     1 
ATOM   266 O O4     . DU  A 1 9  ? 5.581   1.097  18.791  1.00 0.00 ? 9  DU  A O4     1 
ATOM   267 C C5     . DU  A 1 9  ? 5.277   1.437  16.460  1.00 0.00 ? 9  DU  A C5     1 
ATOM   268 C C6     . DU  A 1 9  ? 4.386   1.662  15.464  1.00 0.00 ? 9  DU  A C6     1 
ATOM   269 H "H5'"  . DU  A 1 9  ? -0.416  -1.097 13.113  1.00 0.00 ? 9  DU  A "H5'"  1 
ATOM   270 H "H5''" . DU  A 1 9  ? 0.205   -1.003 14.774  1.00 0.00 ? 9  DU  A "H5''" 1 
ATOM   271 H "H4'"  . DU  A 1 9  ? -0.531  1.524  13.307  1.00 0.00 ? 9  DU  A "H4'"  1 
ATOM   272 H "H3'"  . DU  A 1 9  ? 1.582   -0.333 12.535  1.00 0.00 ? 9  DU  A "H3'"  1 
ATOM   273 H "H2'"  . DU  A 1 9  ? 3.337   0.686  13.486  1.00 0.00 ? 9  DU  A "H2'"  1 
ATOM   274 H "H2''" . DU  A 1 9  ? 2.908   2.195  12.633  1.00 0.00 ? 9  DU  A "H2''" 1 
ATOM   275 H "H1'"  . DU  A 1 9  ? 1.962   3.098  14.477  1.00 0.00 ? 9  DU  A "H1'"  1 
ATOM   276 H H3     . DU  A 1 9  ? 3.128   1.338  18.948  1.00 0.00 ? 9  DU  A H3     1 
ATOM   277 H H5     . DU  A 1 9  ? 6.338   1.356  16.222  1.00 0.00 ? 9  DU  A H5     1 
ATOM   278 H H6     . DU  A 1 9  ? 4.749   1.765  14.442  1.00 0.00 ? 9  DU  A H6     1 
ATOM   279 P P      . DT  A 1 10 ? 1.660   0.867  10.063  1.00 0.00 ? 10 DT  A P      1 
ATOM   280 O OP1    . DT  A 1 10 ? 1.615   2.008  9.123   1.00 0.00 ? 10 DT  A OP1    1 
ATOM   281 O OP2    . DT  A 1 10 ? 1.059   -0.430 9.678   1.00 0.00 ? 10 DT  A OP2    1 
ATOM   282 O "O5'"  . DT  A 1 10 ? 3.199   0.613  10.469  1.00 0.00 ? 10 DT  A "O5'"  1 
ATOM   283 C "C5'"  . DT  A 1 10 ? 3.973   -0.395 9.808   1.00 0.00 ? 10 DT  A "C5'"  1 
ATOM   284 C "C4'"  . DT  A 1 10 ? 5.358   0.116  9.415   1.00 0.00 ? 10 DT  A "C4'"  1 
ATOM   285 O "O4'"  . DT  A 1 10 ? 5.257   1.358  8.684   1.00 0.00 ? 10 DT  A "O4'"  1 
ATOM   286 C "C3'"  . DT  A 1 10 ? 6.220   0.362  10.655  1.00 0.00 ? 10 DT  A "C3'"  1 
ATOM   287 O "O3'"  . DT  A 1 10 ? 7.438   -0.415 10.650  1.00 0.00 ? 10 DT  A "O3'"  1 
ATOM   288 C "C2'"  . DT  A 1 10 ? 6.548   1.833  10.637  1.00 0.00 ? 10 DT  A "C2'"  1 
ATOM   289 C "C1'"  . DT  A 1 10 ? 6.084   2.369  9.296   1.00 0.00 ? 10 DT  A "C1'"  1 
ATOM   290 N N1     . DT  A 1 10 ? 5.347   3.634  9.457   1.00 0.00 ? 10 DT  A N1     1 
ATOM   291 C C2     . DT  A 1 10 ? 5.995   4.814  9.128   1.00 0.00 ? 10 DT  A C2     1 
ATOM   292 O O2     . DT  A 1 10 ? 7.155   4.837  8.720   1.00 0.00 ? 10 DT  A O2     1 
ATOM   293 N N3     . DT  A 1 10 ? 5.257   5.972  9.288   1.00 0.00 ? 10 DT  A N3     1 
ATOM   294 C C4     . DT  A 1 10 ? 3.950   6.048  9.738   1.00 0.00 ? 10 DT  A C4     1 
ATOM   295 O O4     . DT  A 1 10 ? 3.386   7.135  9.842   1.00 0.00 ? 10 DT  A O4     1 
ATOM   296 C C5     . DT  A 1 10 ? 3.364   4.764  10.054  1.00 0.00 ? 10 DT  A C5     1 
ATOM   297 C C7     . DT  A 1 10 ? 1.924   4.695  10.555  1.00 0.00 ? 10 DT  A C7     1 
ATOM   298 C C6     . DT  A 1 10 ? 4.069   3.625  9.907   1.00 0.00 ? 10 DT  A C6     1 
ATOM   299 H "H5'"  . DT  A 1 10 ? 3.446   -0.715 8.909   1.00 0.00 ? 10 DT  A "H5'"  1 
ATOM   300 H "H5''" . DT  A 1 10 ? 4.086   -1.249 10.476  1.00 0.00 ? 10 DT  A "H5''" 1 
ATOM   301 H "H4'"  . DT  A 1 10 ? 5.835   -0.628 8.782   1.00 0.00 ? 10 DT  A "H4'"  1 
ATOM   302 H "H3'"  . DT  A 1 10 ? 5.640   0.133  11.552  1.00 0.00 ? 10 DT  A "H3'"  1 
ATOM   303 H "H2'"  . DT  A 1 10 ? 6.017   2.341  11.443  1.00 0.00 ? 10 DT  A "H2'"  1 
ATOM   304 H "H2''" . DT  A 1 10 ? 7.622   1.979  10.747  1.00 0.00 ? 10 DT  A "H2''" 1 
ATOM   305 H "H1'"  . DT  A 1 10 ? 6.944   2.544  8.667   1.00 0.00 ? 10 DT  A "H1'"  1 
ATOM   306 H H3     . DT  A 1 10 ? 5.713   6.842  9.054   1.00 0.00 ? 10 DT  A H3     1 
ATOM   307 H H71    . DT  A 1 10 ? 1.860   3.993  11.386  1.00 0.00 ? 10 DT  A H71    1 
ATOM   308 H H72    . DT  A 1 10 ? 1.273   4.361  9.746   1.00 0.00 ? 10 DT  A H72    1 
ATOM   309 H H73    . DT  A 1 10 ? 1.608   5.683  10.890  1.00 0.00 ? 10 DT  A H73    1 
ATOM   310 H H6     . DT  A 1 10 ? 3.617   2.672  10.155  1.00 0.00 ? 10 DT  A H6     1 
ATOM   311 P P      . DC  A 1 11 ? 8.153   -0.909 9.285   1.00 0.00 ? 11 DC  A P      1 
ATOM   312 O OP1    . DC  A 1 11 ? 7.386   -2.059 8.755   1.00 0.00 ? 11 DC  A OP1    1 
ATOM   313 O OP2    . DC  A 1 11 ? 9.602   -1.047 9.547   1.00 0.00 ? 11 DC  A OP2    1 
ATOM   314 O "O5'"  . DC  A 1 11 ? 7.936   0.347  8.294   1.00 0.00 ? 11 DC  A "O5'"  1 
ATOM   315 C "C5'"  . DC  A 1 11 ? 8.684   0.470  7.078   1.00 0.00 ? 11 DC  A "C5'"  1 
ATOM   316 C "C4'"  . DC  A 1 11 ? 8.097   -0.391 5.956   1.00 0.00 ? 11 DC  A "C4'"  1 
ATOM   317 O "O4'"  . DC  A 1 11 ? 6.846   -0.979 6.354   1.00 0.00 ? 11 DC  A "O4'"  1 
ATOM   318 C "C3'"  . DC  A 1 11 ? 7.845   0.426  4.696   1.00 0.00 ? 11 DC  A "C3'"  1 
ATOM   319 O "O3'"  . DC  A 1 11 ? 8.864   0.185  3.716   1.00 0.00 ? 11 DC  A "O3'"  1 
ATOM   320 C "C2'"  . DC  A 1 11 ? 6.497   -0.018 4.193   1.00 0.00 ? 11 DC  A "C2'"  1 
ATOM   321 C "C1'"  . DC  A 1 11 ? 5.913   -0.925 5.263   1.00 0.00 ? 11 DC  A "C1'"  1 
ATOM   322 N N1     . DC  A 1 11 ? 4.596   -0.443 5.725   1.00 0.00 ? 11 DC  A N1     1 
ATOM   323 C C2     . DC  A 1 11 ? 3.594   -1.385 5.878   1.00 0.00 ? 11 DC  A C2     1 
ATOM   324 O O2     . DC  A 1 11 ? 3.823   -2.571 5.651   1.00 0.00 ? 11 DC  A O2     1 
ATOM   325 N N3     . DC  A 1 11 ? 2.372   -0.965 6.293   1.00 0.00 ? 11 DC  A N3     1 
ATOM   326 C C4     . DC  A 1 11 ? 2.135   0.325  6.550   1.00 0.00 ? 11 DC  A C4     1 
ATOM   327 N N4     . DC  A 1 11 ? 0.914   0.693  6.939   1.00 0.00 ? 11 DC  A N4     1 
ATOM   328 C C5     . DC  A 1 11 ? 3.166   1.306  6.401   1.00 0.00 ? 11 DC  A C5     1 
ATOM   329 C C6     . DC  A 1 11 ? 4.377   0.882  5.988   1.00 0.00 ? 11 DC  A C6     1 
ATOM   330 H "H5'"  . DC  A 1 11 ? 9.713   0.159  7.262   1.00 0.00 ? 11 DC  A "H5'"  1 
ATOM   331 H "H5''" . DC  A 1 11 ? 8.681   1.514  6.767   1.00 0.00 ? 11 DC  A "H5''" 1 
ATOM   332 H "H4'"  . DC  A 1 11 ? 8.793   -1.193 5.719   1.00 0.00 ? 11 DC  A "H4'"  1 
ATOM   333 H "H3'"  . DC  A 1 11 ? 7.805   1.489  4.947   1.00 0.00 ? 11 DC  A "H3'"  1 
ATOM   334 H "H2'"  . DC  A 1 11 ? 5.854   0.846  4.035   1.00 0.00 ? 11 DC  A "H2'"  1 
ATOM   335 H "H2''" . DC  A 1 11 ? 6.614   -0.570 3.260   1.00 0.00 ? 11 DC  A "H2''" 1 
ATOM   336 H "H1'"  . DC  A 1 11 ? 5.804   -1.925 4.852   1.00 0.00 ? 11 DC  A "H1'"  1 
ATOM   337 H H41    . DC  A 1 11 ? 0.192   -0.006 7.054   1.00 0.00 ? 11 DC  A H41    1 
ATOM   338 H H42    . DC  A 1 11 ? 0.712   1.665  7.126   1.00 0.00 ? 11 DC  A H42    1 
ATOM   339 H H5     . DC  A 1 11 ? 2.981   2.359  6.616   1.00 0.00 ? 11 DC  A H5     1 
ATOM   340 H H6     . DC  A 1 11 ? 5.193   1.600  5.873   1.00 0.00 ? 11 DC  A H6     1 
ATOM   341 P P      . DC  A 1 12 ? 9.006   1.134  2.420   1.00 0.00 ? 12 DC  A P      1 
ATOM   342 O OP1    . DC  A 1 12 ? 9.740   0.383  1.376   1.00 0.00 ? 12 DC  A OP1    1 
ATOM   343 O OP2    . DC  A 1 12 ? 9.505   2.455  2.865   1.00 0.00 ? 12 DC  A OP2    1 
ATOM   344 O "O5'"  . DC  A 1 12 ? 7.478   1.310  1.939   1.00 0.00 ? 12 DC  A "O5'"  1 
ATOM   345 C "C5'"  . DC  A 1 12 ? 7.158   1.482  0.555   1.00 0.00 ? 12 DC  A "C5'"  1 
ATOM   346 C "C4'"  . DC  A 1 12 ? 6.883   0.144  -0.128  1.00 0.00 ? 12 DC  A "C4'"  1 
ATOM   347 O "O4'"  . DC  A 1 12 ? 5.782   -0.540 0.507   1.00 0.00 ? 12 DC  A "O4'"  1 
ATOM   348 C "C3'"  . DC  A 1 12 ? 6.535   0.348  -1.594  1.00 0.00 ? 12 DC  A "C3'"  1 
ATOM   349 O "O3'"  . DC  A 1 12 ? 7.585   -0.130 -2.444  1.00 0.00 ? 12 DC  A "O3'"  1 
ATOM   350 C "C2'"  . DC  A 1 12 ? 5.259   -0.417 -1.828  1.00 0.00 ? 12 DC  A "C2'"  1 
ATOM   351 C "C1'"  . DC  A 1 12 ? 4.776   -0.891 -0.467  1.00 0.00 ? 12 DC  A "C1'"  1 
ATOM   352 N N1     . DC  A 1 12 ? 3.481   -0.267 -0.127  1.00 0.00 ? 12 DC  A N1     1 
ATOM   353 C C2     . DC  A 1 12 ? 2.378   -1.098 0.008   1.00 0.00 ? 12 DC  A C2     1 
ATOM   354 O O2     . DC  A 1 12 ? 2.489   -2.311 -0.168  1.00 0.00 ? 12 DC  A O2     1 
ATOM   355 N N3     . DC  A 1 12 ? 1.184   -0.534 0.332   1.00 0.00 ? 12 DC  A N3     1 
ATOM   356 C C4     . DC  A 1 12 ? 1.072   0.787  0.517   1.00 0.00 ? 12 DC  A C4     1 
ATOM   357 N N4     . DC  A 1 12 ? -0.115  1.302  0.836   1.00 0.00 ? 12 DC  A N4     1 
ATOM   358 C C5     . DC  A 1 12 ? 2.204   1.649  0.377   1.00 0.00 ? 12 DC  A C5     1 
ATOM   359 C C6     . DC  A 1 12 ? 3.382   1.083  0.056   1.00 0.00 ? 12 DC  A C6     1 
ATOM   360 H "H5'"  . DC  A 1 12 ? 7.992   1.973  0.054   1.00 0.00 ? 12 DC  A "H5'"  1 
ATOM   361 H "H5''" . DC  A 1 12 ? 6.272   2.112  0.472   1.00 0.00 ? 12 DC  A "H5''" 1 
ATOM   362 H "H4'"  . DC  A 1 12 ? 7.774   -0.480 -0.056  1.00 0.00 ? 12 DC  A "H4'"  1 
ATOM   363 H "H3'"  . DC  A 1 12 ? 6.358   1.409  -1.781  1.00 0.00 ? 12 DC  A "H3'"  1 
ATOM   364 H "H2'"  . DC  A 1 12 ? 4.512   0.234  -2.284  1.00 0.00 ? 12 DC  A "H2'"  1 
ATOM   365 H "H2''" . DC  A 1 12 ? 5.450   -1.273 -2.475  1.00 0.00 ? 12 DC  A "H2''" 1 
ATOM   366 H "H1'"  . DC  A 1 12 ? 4.658   -1.974 -0.483  1.00 0.00 ? 12 DC  A "H1'"  1 
ATOM   367 H H41    . DC  A 1 12 ? -0.915  0.695  0.944   1.00 0.00 ? 12 DC  A H41    1 
ATOM   368 H H42    . DC  A 1 12 ? -0.213  2.298  0.977   1.00 0.00 ? 12 DC  A H42    1 
ATOM   369 H H5     . DC  A 1 12 ? 2.116   2.725  0.524   1.00 0.00 ? 12 DC  A H5     1 
ATOM   370 H H6     . DC  A 1 12 ? 4.267   1.710  -0.064  1.00 0.00 ? 12 DC  A H6     1 
ATOM   371 P P      . DU  A 1 13 ? 8.307   0.860  -3.491  1.00 0.00 ? 13 DU  A P      1 
ATOM   372 O OP1    . DU  A 1 13 ? 9.629   0.287  -3.831  1.00 0.00 ? 13 DU  A OP1    1 
ATOM   373 O OP2    . DU  A 1 13 ? 8.215   2.241  -2.967  1.00 0.00 ? 13 DU  A OP2    1 
ATOM   374 O "O5'"  . DU  A 1 13 ? 7.357   0.752  -4.789  1.00 0.00 ? 13 DU  A "O5'"  1 
ATOM   375 C "C5'"  . DU  A 1 13 ? 7.526   -0.313 -5.730  1.00 0.00 ? 13 DU  A "C5'"  1 
ATOM   376 C "C4'"  . DU  A 1 13 ? 6.638   -0.131 -6.957  1.00 0.00 ? 13 DU  A "C4'"  1 
ATOM   377 O "O4'"  . DU  A 1 13 ? 5.245   -0.245 -6.612  1.00 0.00 ? 13 DU  A "O4'"  1 
ATOM   378 C "C3'"  . DU  A 1 13 ? 6.849   1.231  -7.601  1.00 0.00 ? 13 DU  A "C3'"  1 
ATOM   379 O "O3'"  . DU  A 1 13 ? 7.630   1.105  -8.795  1.00 0.00 ? 13 DU  A "O3'"  1 
ATOM   380 C "C2'"  . DU  A 1 13 ? 5.467   1.760  -7.893  1.00 0.00 ? 13 DU  A "C2'"  1 
ATOM   381 C "C1'"  . DU  A 1 13 ? 4.487   0.734  -7.343  1.00 0.00 ? 13 DU  A "C1'"  1 
ATOM   382 N N1     . DU  A 1 13 ? 3.478   1.377  -6.479  1.00 0.00 ? 13 DU  A N1     1 
ATOM   383 C C2     . DU  A 1 13 ? 2.181   0.893  -6.527  1.00 0.00 ? 13 DU  A C2     1 
ATOM   384 O O2     . DU  A 1 13 ? 1.860   -0.066 -7.228  1.00 0.00 ? 13 DU  A O2     1 
ATOM   385 N N3     . DU  A 1 13 ? 1.260   1.549  -5.731  1.00 0.00 ? 13 DU  A N3     1 
ATOM   386 C C4     . DU  A 1 13 ? 1.519   2.630  -4.906  1.00 0.00 ? 13 DU  A C4     1 
ATOM   387 O O4     . DU  A 1 13 ? 0.620   3.146  -4.247  1.00 0.00 ? 13 DU  A O4     1 
ATOM   388 C C5     . DU  A 1 13 ? 2.898   3.061  -4.921  1.00 0.00 ? 13 DU  A C5     1 
ATOM   389 C C6     . DU  A 1 13 ? 3.812   2.436  -5.681  1.00 0.00 ? 13 DU  A C6     1 
ATOM   390 H "H5'"  . DU  A 1 13 ? 7.275   -1.258 -5.246  1.00 0.00 ? 13 DU  A "H5'"  1 
ATOM   391 H "H5''" . DU  A 1 13 ? 8.569   -0.345 -6.048  1.00 0.00 ? 13 DU  A "H5''" 1 
ATOM   392 H "H4'"  . DU  A 1 13 ? 6.872   -0.902 -7.688  1.00 0.00 ? 13 DU  A "H4'"  1 
ATOM   393 H "H3'"  . DU  A 1 13 ? 7.352   1.895  -6.894  1.00 0.00 ? 13 DU  A "H3'"  1 
ATOM   394 H "H2'"  . DU  A 1 13 ? 5.320   2.721  -7.390  1.00 0.00 ? 13 DU  A "H2'"  1 
ATOM   395 H "H2''" . DU  A 1 13 ? 5.326   1.874  -8.973  1.00 0.00 ? 13 DU  A "H2''" 1 
ATOM   396 H "H1'"  . DU  A 1 13 ? 3.991   0.243  -8.177  1.00 0.00 ? 13 DU  A "H1'"  1 
ATOM   397 H H3     . DU  A 1 13 ? 0.314   1.198  -5.742  1.00 0.00 ? 13 DU  A H3     1 
ATOM   398 H H5     . DU  A 1 13 ? 3.206   3.913  -4.324  1.00 0.00 ? 13 DU  A H5     1 
ATOM   399 H H6     . DU  A 1 13 ? 4.848   2.773  -5.644  1.00 0.00 ? 13 DU  A H6     1 
ATOM   400 P P      . DT  A 1 14 ? 7.868   2.362  -9.774  1.00 0.00 ? 14 DT  A P      1 
ATOM   401 O OP1    . DT  A 1 14 ? 9.217   2.238  -10.371 1.00 0.00 ? 14 DT  A OP1    1 
ATOM   402 O OP2    . DT  A 1 14 ? 7.485   3.601  -9.058  1.00 0.00 ? 14 DT  A OP2    1 
ATOM   403 O "O5'"  . DT  A 1 14 ? 6.778   2.086  -10.927 1.00 0.00 ? 14 DT  A "O5'"  1 
ATOM   404 C "C5'"  . DT  A 1 14 ? 6.272   0.761  -11.129 1.00 0.00 ? 14 DT  A "C5'"  1 
ATOM   405 C "C4'"  . DT  A 1 14 ? 4.990   0.759  -11.952 1.00 0.00 ? 14 DT  A "C4'"  1 
ATOM   406 O "O4'"  . DT  A 1 14 ? 3.912   1.394  -11.243 1.00 0.00 ? 14 DT  A "O4'"  1 
ATOM   407 C "C3'"  . DT  A 1 14 ? 5.192   1.479  -13.271 1.00 0.00 ? 14 DT  A "C3'"  1 
ATOM   408 O "O3'"  . DT  A 1 14 ? 4.924   0.592  -14.371 1.00 0.00 ? 14 DT  A "O3'"  1 
ATOM   409 C "C2'"  . DT  A 1 14 ? 4.212   2.624  -13.241 1.00 0.00 ? 14 DT  A "C2'"  1 
ATOM   410 C "C1'"  . DT  A 1 14 ? 3.245   2.316  -12.116 1.00 0.00 ? 14 DT  A "C1'"  1 
ATOM   411 N N1     . DT  A 1 14 ? 2.845   3.530  -11.380 1.00 0.00 ? 14 DT  A N1     1 
ATOM   412 C C2     . DT  A 1 14 ? 1.616   4.095  -11.676 1.00 0.00 ? 14 DT  A C2     1 
ATOM   413 O O2     . DT  A 1 14 ? 0.890   3.662  -12.571 1.00 0.00 ? 14 DT  A O2     1 
ATOM   414 N N3     . DT  A 1 14 ? 1.251   5.183  -10.905 1.00 0.00 ? 14 DT  A N3     1 
ATOM   415 C C4     . DT  A 1 14 ? 1.994   5.743  -9.880  1.00 0.00 ? 14 DT  A C4     1 
ATOM   416 O O4     . DT  A 1 14 ? 1.570   6.712  -9.255  1.00 0.00 ? 14 DT  A O4     1 
ATOM   417 C C5     . DT  A 1 14 ? 3.262   5.083  -9.649  1.00 0.00 ? 14 DT  A C5     1 
ATOM   418 C C7     . DT  A 1 14 ? 4.170   5.558  -8.521  1.00 0.00 ? 14 DT  A C7     1 
ATOM   419 C C6     . DT  A 1 14 ? 3.640   4.031  -10.391 1.00 0.00 ? 14 DT  A C6     1 
ATOM   420 H "H5'"  . DT  A 1 14 ? 6.069   0.306  -10.159 1.00 0.00 ? 14 DT  A "H5'"  1 
ATOM   421 H "H5''" . DT  A 1 14 ? 7.027   0.169  -11.646 1.00 0.00 ? 14 DT  A "H5''" 1 
ATOM   422 H "H4'"  . DT  A 1 14 ? 4.702   -0.264 -12.163 1.00 0.00 ? 14 DT  A "H4'"  1 
ATOM   423 H "H3'"  . DT  A 1 14 ? 6.212   1.865  -13.334 1.00 0.00 ? 14 DT  A "H3'"  1 
ATOM   424 H "H2'"  . DT  A 1 14 ? 4.738   3.554  -13.028 1.00 0.00 ? 14 DT  A "H2'"  1 
ATOM   425 H "H2''" . DT  A 1 14 ? 3.681   2.695  -14.190 1.00 0.00 ? 14 DT  A "H2''" 1 
ATOM   426 H "H1'"  . DT  A 1 14 ? 2.363   1.831  -12.528 1.00 0.00 ? 14 DT  A "H1'"  1 
ATOM   427 H H3     . DT  A 1 14 ? 0.358   5.610  -11.109 1.00 0.00 ? 14 DT  A H3     1 
ATOM   428 H H71    . DT  A 1 14 ? 3.677   6.359  -7.970  1.00 0.00 ? 14 DT  A H71    1 
ATOM   429 H H72    . DT  A 1 14 ? 5.106   5.928  -8.939  1.00 0.00 ? 14 DT  A H72    1 
ATOM   430 H H73    . DT  A 1 14 ? 4.376   4.727  -7.847  1.00 0.00 ? 14 DT  A H73    1 
ATOM   431 H H6     . DT  A 1 14 ? 4.615   3.583  -10.220 1.00 0.00 ? 14 DT  A H6     1 
ATOM   432 P P      . DT  A 1 15 ? 5.804   -0.748 -14.626 1.00 0.00 ? 15 DT  A P      1 
ATOM   433 O OP1    . DT  A 1 15 ? 7.084   -0.343 -15.247 1.00 0.00 ? 15 DT  A OP1    1 
ATOM   434 O OP2    . DT  A 1 15 ? 4.941   -1.739 -15.307 1.00 0.00 ? 15 DT  A OP2    1 
ATOM   435 O "O5'"  . DT  A 1 15 ? 6.122   -1.294 -13.135 1.00 0.00 ? 15 DT  A "O5'"  1 
ATOM   436 C "C5'"  . DT  A 1 15 ? 5.490   -2.476 -12.610 1.00 0.00 ? 15 DT  A "C5'"  1 
ATOM   437 C "C4'"  . DT  A 1 15 ? 5.074   -2.278 -11.149 1.00 0.00 ? 15 DT  A "C4'"  1 
ATOM   438 O "O4'"  . DT  A 1 15 ? 3.903   -1.435 -11.067 1.00 0.00 ? 15 DT  A "O4'"  1 
ATOM   439 C "C3'"  . DT  A 1 15 ? 4.755   -3.600 -10.466 1.00 0.00 ? 15 DT  A "C3'"  1 
ATOM   440 O "O3'"  . DT  A 1 15 ? 5.732   -3.894 -9.457  1.00 0.00 ? 15 DT  A "O3'"  1 
ATOM   441 C "C2'"  . DT  A 1 15 ? 3.383   -3.428 -9.860  1.00 0.00 ? 15 DT  A "C2'"  1 
ATOM   442 C "C1'"  . DT  A 1 15 ? 2.860   -2.077 -10.311 1.00 0.00 ? 15 DT  A "C1'"  1 
ATOM   443 N N1     . DT  A 1 15 ? 1.639   -2.226 -11.132 1.00 0.00 ? 15 DT  A N1     1 
ATOM   444 C C2     . DT  A 1 15 ? 0.454   -1.717 -10.624 1.00 0.00 ? 15 DT  A C2     1 
ATOM   445 O O2     . DT  A 1 15 ? 0.391   -1.168 -9.525  1.00 0.00 ? 15 DT  A O2     1 
ATOM   446 N N3     . DT  A 1 15 ? -0.661  -1.863 -11.427 1.00 0.00 ? 15 DT  A N3     1 
ATOM   447 C C4     . DT  A 1 15 ? -0.697  -2.464 -12.674 1.00 0.00 ? 15 DT  A C4     1 
ATOM   448 O O4     . DT  A 1 15 ? -1.750  -2.537 -13.303 1.00 0.00 ? 15 DT  A O4     1 
ATOM   449 C C5     . DT  A 1 15 ? 0.583   -2.965 -13.122 1.00 0.00 ? 15 DT  A C5     1 
ATOM   450 C C7     . DT  A 1 15 ? 0.691   -3.649 -14.483 1.00 0.00 ? 15 DT  A C7     1 
ATOM   451 C C6     . DT  A 1 15 ? 1.687   -2.837 -12.358 1.00 0.00 ? 15 DT  A C6     1 
ATOM   452 H "H5'"  . DT  A 1 15 ? 6.188   -3.310 -12.673 1.00 0.00 ? 15 DT  A "H5'"  1 
ATOM   453 H "H5''" . DT  A 1 15 ? 4.607   -2.705 -13.206 1.00 0.00 ? 15 DT  A "H5''" 1 
ATOM   454 H "H4'"  . DT  A 1 15 ? 5.890   -1.796 -10.613 1.00 0.00 ? 15 DT  A "H4'"  1 
ATOM   455 H "H3'"  . DT  A 1 15 ? 4.730   -4.402 -11.208 1.00 0.00 ? 15 DT  A "H3'"  1 
ATOM   456 H "H2'"  . DT  A 1 15 ? 2.718   -4.222 -10.203 1.00 0.00 ? 15 DT  A "H2'"  1 
ATOM   457 H "H2''" . DT  A 1 15 ? 3.455   -3.445 -8.771  1.00 0.00 ? 15 DT  A "H2''" 1 
ATOM   458 H "H1'"  . DT  A 1 15 ? 2.629   -1.471 -9.436  1.00 0.00 ? 15 DT  A "H1'"  1 
ATOM   459 H H3     . DT  A 1 15 ? -1.532  -1.496 -11.072 1.00 0.00 ? 15 DT  A H3     1 
ATOM   460 H H71    . DT  A 1 15 ? 1.132   -4.638 -14.360 1.00 0.00 ? 15 DT  A H71    1 
ATOM   461 H H72    . DT  A 1 15 ? 1.321   -3.049 -15.142 1.00 0.00 ? 15 DT  A H72    1 
ATOM   462 H H73    . DT  A 1 15 ? -0.303  -3.746 -14.921 1.00 0.00 ? 15 DT  A H73    1 
ATOM   463 H H6     . DT  A 1 15 ? 2.636   -3.230 -12.722 1.00 0.00 ? 15 DT  A H6     1 
ATOM   464 P P      . DC  A 1 16 ? 5.701   -5.290 -8.652  1.00 0.00 ? 16 DC  A P      1 
ATOM   465 O OP1    . DC  A 1 16 ? 6.801   -5.274 -7.660  1.00 0.00 ? 16 DC  A OP1    1 
ATOM   466 O OP2    . DC  A 1 16 ? 5.612   -6.392 -9.634  1.00 0.00 ? 16 DC  A OP2    1 
ATOM   467 O "O5'"  . DC  A 1 16 ? 4.301   -5.207 -7.857  1.00 0.00 ? 16 DC  A "O5'"  1 
ATOM   468 C "C5'"  . DC  A 1 16 ? 4.149   -5.816 -6.570  1.00 0.00 ? 16 DC  A "C5'"  1 
ATOM   469 C "C4'"  . DC  A 1 16 ? 4.339   -4.803 -5.445  1.00 0.00 ? 16 DC  A "C4'"  1 
ATOM   470 O "O4'"  . DC  A 1 16 ? 3.181   -3.972 -5.293  1.00 0.00 ? 16 DC  A "O4'"  1 
ATOM   471 C "C3'"  . DC  A 1 16 ? 4.586   -5.494 -4.117  1.00 0.00 ? 16 DC  A "C3'"  1 
ATOM   472 O "O3'"  . DC  A 1 16 ? 5.984   -5.543 -3.810  1.00 0.00 ? 16 DC  A "O3'"  1 
ATOM   473 C "C2'"  . DC  A 1 16 ? 3.830   -4.675 -3.105  1.00 0.00 ? 16 DC  A "C2'"  1 
ATOM   474 C "C1'"  . DC  A 1 16 ? 2.973   -3.700 -3.897  1.00 0.00 ? 16 DC  A "C1'"  1 
ATOM   475 N N1     . DC  A 1 16 ? 1.548   -3.849 -3.543  1.00 0.00 ? 16 DC  A N1     1 
ATOM   476 C C2     . DC  A 1 16 ? 0.889   -2.745 -3.020  1.00 0.00 ? 16 DC  A C2     1 
ATOM   477 O O2     . DC  A 1 16 ? 1.486   -1.680 -2.865  1.00 0.00 ? 16 DC  A O2     1 
ATOM   478 N N3     . DC  A 1 16 ? -0.424  -2.878 -2.690  1.00 0.00 ? 16 DC  A N3     1 
ATOM   479 C C4     . DC  A 1 16 ? -1.065  -4.041 -2.864  1.00 0.00 ? 16 DC  A C4     1 
ATOM   480 N N4     . DC  A 1 16 ? -2.351  -4.134 -2.526  1.00 0.00 ? 16 DC  A N4     1 
ATOM   481 C C5     . DC  A 1 16 ? -0.390  -5.180 -3.403  1.00 0.00 ? 16 DC  A C5     1 
ATOM   482 C C6     . DC  A 1 16 ? 0.910   -5.041 -3.727  1.00 0.00 ? 16 DC  A C6     1 
ATOM   483 H "H5'"  . DC  A 1 16 ? 4.886   -6.613 -6.463  1.00 0.00 ? 16 DC  A "H5'"  1 
ATOM   484 H "H5''" . DC  A 1 16 ? 3.150   -6.244 -6.498  1.00 0.00 ? 16 DC  A "H5''" 1 
ATOM   485 H "H4'"  . DC  A 1 16 ? 5.190   -4.163 -5.668  1.00 0.00 ? 16 DC  A "H4'"  1 
ATOM   486 H "H3'"  . DC  A 1 16 ? 4.168   -6.503 -4.147  1.00 0.00 ? 16 DC  A "H3'"  1 
ATOM   487 H "H2'"  . DC  A 1 16 ? 3.199   -5.323 -2.495  1.00 0.00 ? 16 DC  A "H2'"  1 
ATOM   488 H "H2''" . DC  A 1 16 ? 4.528   -4.129 -2.469  1.00 0.00 ? 16 DC  A "H2''" 1 
ATOM   489 H "H1'"  . DC  A 1 16 ? 3.302   -2.688 -3.689  1.00 0.00 ? 16 DC  A "H1'"  1 
ATOM   490 H H41    . DC  A 1 16 ? -2.833  -3.330 -2.153  1.00 0.00 ? 16 DC  A H41    1 
ATOM   491 H H42    . DC  A 1 16 ? -2.845  -5.006 -2.649  1.00 0.00 ? 16 DC  A H42    1 
ATOM   492 H H5     . DC  A 1 16 ? -0.909  -6.127 -3.551  1.00 0.00 ? 16 DC  A H5     1 
ATOM   493 H H6     . DC  A 1 16 ? 1.461   -5.890 -4.135  1.00 0.00 ? 16 DC  A H6     1 
ATOM   494 P P      . DC  A 1 17 ? 6.535   -6.450 -2.597  1.00 0.00 ? 17 DC  A P      1 
ATOM   495 O OP1    . DC  A 1 17 ? 7.764   -7.136 -3.054  1.00 0.00 ? 17 DC  A OP1    1 
ATOM   496 O OP2    . DC  A 1 17 ? 5.407   -7.242 -2.054  1.00 0.00 ? 17 DC  A OP2    1 
ATOM   497 O "O5'"  . DC  A 1 17 ? 6.954   -5.345 -1.502  1.00 0.00 ? 17 DC  A "O5'"  1 
ATOM   498 C "C5'"  . DC  A 1 17 ? 6.598   -5.502 -0.125  1.00 0.00 ? 17 DC  A "C5'"  1 
ATOM   499 C "C4'"  . DC  A 1 17 ? 6.732   -4.185 0.634   1.00 0.00 ? 17 DC  A "C4'"  1 
ATOM   500 O "O4'"  . DC  A 1 17 ? 5.448   -3.543 0.778   1.00 0.00 ? 17 DC  A "O4'"  1 
ATOM   501 C "C3'"  . DC  A 1 17 ? 7.308   -4.406 2.026   1.00 0.00 ? 17 DC  A "C3'"  1 
ATOM   502 O "O3'"  . DC  A 1 17 ? 8.654   -3.924 2.104   1.00 0.00 ? 17 DC  A "O3'"  1 
ATOM   503 C "C2'"  . DC  A 1 17 ? 6.410   -3.652 2.968   1.00 0.00 ? 17 DC  A "C2'"  1 
ATOM   504 C "C1'"  . DC  A 1 17 ? 5.244   -3.129 2.143   1.00 0.00 ? 17 DC  A "C1'"  1 
ATOM   505 N N1     . DC  A 1 17 ? 3.954   -3.641 2.657   1.00 0.00 ? 17 DC  A N1     1 
ATOM   506 C C2     . DC  A 1 17 ? 2.948   -2.717 2.910   1.00 0.00 ? 17 DC  A C2     1 
ATOM   507 O O2     . DC  A 1 17 ? 3.153   -1.517 2.739   1.00 0.00 ? 17 DC  A O2     1 
ATOM   508 N N3     . DC  A 1 17 ? 1.750   -3.177 3.364   1.00 0.00 ? 17 DC  A N3     1 
ATOM   509 C C4     . DC  A 1 17 ? 1.542   -4.483 3.565   1.00 0.00 ? 17 DC  A C4     1 
ATOM   510 N N4     . DC  A 1 17 ? 0.353   -4.896 4.004   1.00 0.00 ? 17 DC  A N4     1 
ATOM   511 C C5     . DC  A 1 17 ? 2.575   -5.440 3.312   1.00 0.00 ? 17 DC  A C5     1 
ATOM   512 C C6     . DC  A 1 17 ? 3.759   -4.979 2.860   1.00 0.00 ? 17 DC  A C6     1 
ATOM   513 H "H5'"  . DC  A 1 17 ? 7.251   -6.247 0.329   1.00 0.00 ? 17 DC  A "H5'"  1 
ATOM   514 H "H5''" . DC  A 1 17 ? 5.565   -5.846 -0.061  1.00 0.00 ? 17 DC  A "H5''" 1 
ATOM   515 H "H4'"  . DC  A 1 17 ? 7.393   -3.521 0.080   1.00 0.00 ? 17 DC  A "H4'"  1 
ATOM   516 H "H3'"  . DC  A 1 17 ? 7.276   -5.470 2.271   1.00 0.00 ? 17 DC  A "H3'"  1 
ATOM   517 H "HO3'" . DC  A 1 17 ? 8.611   -3.000 2.359   1.00 0.00 ? 17 DC  A "HO3'" 1 
ATOM   518 H "H2'"  . DC  A 1 17 ? 6.047   -4.317 3.752   1.00 0.00 ? 17 DC  A "H2'"  1 
ATOM   519 H "H2''" . DC  A 1 17 ? 6.955   -2.819 3.410   1.00 0.00 ? 17 DC  A "H2''" 1 
ATOM   520 H "H1'"  . DC  A 1 17 ? 5.240   -2.040 2.184   1.00 0.00 ? 17 DC  A "H1'"  1 
ATOM   521 H H41    . DC  A 1 17 ? -0.380  -4.223 4.181   1.00 0.00 ? 17 DC  A H41    1 
ATOM   522 H H42    . DC  A 1 17 ? 0.183   -5.880 4.157   1.00 0.00 ? 17 DC  A H42    1 
ATOM   523 H H5     . DC  A 1 17 ? 2.413   -6.504 3.491   1.00 0.00 ? 17 DC  A H5     1 
ATOM   524 H H6     . DC  A 1 17 ? 4.570   -5.680 2.655   1.00 0.00 ? 17 DC  A H6     1 
# 
